data_9IL4
#
_entry.id   9IL4
#
_cell.length_a   1.00
_cell.length_b   1.00
_cell.length_c   1.00
_cell.angle_alpha   90.00
_cell.angle_beta   90.00
_cell.angle_gamma   90.00
#
_symmetry.space_group_name_H-M   'P 1'
#
loop_
_entity.id
_entity.type
_entity.pdbx_description
1 polymer 'Solute carrier family 22 (organic cation transporter), member 17'
2 non-polymer 'FE (II) ION'
#
_entity_poly.entity_id   1
_entity_poly.type   'polypeptide(L)'
_entity_poly.pdbx_seq_one_letter_code
;MASDPIFTLAPPLHCHYGALPPNASGWEQPPNSSGVSVAGAALAASAASGVVTSTDPSCSGFAPPDFNHCLKDWDYNGLP
VLTTNAIGQWDLVCDLGWQVILEQILFILGFASGYLFLGYPADRFGRRGIVLLTLGLVGPCGVGGAAAGSSTGIMALRFL
LGFLLAGVDLGVYLMRLELCDPTQRLRVALAGELVGVGGHFLFLGLALVSKDWRFLQRMITAPCILFLFYGWPGLFLESA
RWLIVKRQIEEAQSVLRILAERNRPHGQMLGEEAQEALQELENTCPLPATSTFSFASLLNYRNIWKNLLILGFTNFIAHA
IRHCYQPVGGGGSPSDFYLCSLLASGTAALACVFLGVTVDRFGRRGILLLSMTLTGIASLVLLGLWDYLNDAAITTFSVL
GLFSSQASAILSTLLASEIIPTTVRGRGLGLIMALGALGGLSCPAQRLHMGHGAFLQHVVLAACALLCILSIMLLPETKR
KLLPEVLRDGELCRRPSLLRQPPPNRCDHVPLLATPNPAL
;
_entity_poly.pdbx_strand_id   B,A
#
loop_
_chem_comp.id
_chem_comp.type
_chem_comp.name
_chem_comp.formula
FE2 non-polymer 'FE (II) ION' 'Fe 2'
#
# COMPACT_ATOMS: atom_id res chain seq x y z
N TRP A 98 12.20 -24.76 6.44
CA TRP A 98 10.90 -24.30 5.95
C TRP A 98 11.08 -23.49 4.67
N GLN A 99 10.12 -23.63 3.75
CA GLN A 99 10.21 -22.89 2.50
C GLN A 99 10.12 -21.38 2.74
N VAL A 100 9.21 -20.96 3.62
CA VAL A 100 9.04 -19.54 3.88
C VAL A 100 10.29 -18.96 4.54
N ILE A 101 10.88 -19.70 5.47
CA ILE A 101 12.09 -19.22 6.12
C ILE A 101 13.26 -19.18 5.14
N LEU A 102 13.32 -20.13 4.20
CA LEU A 102 14.33 -20.05 3.16
C LEU A 102 14.12 -18.80 2.30
N GLU A 103 12.87 -18.50 1.96
CA GLU A 103 12.55 -17.26 1.26
C GLU A 103 13.04 -16.04 2.04
N GLN A 104 12.78 -16.04 3.36
CA GLN A 104 13.16 -14.88 4.16
C GLN A 104 14.67 -14.74 4.27
N ILE A 105 15.39 -15.84 4.44
CA ILE A 105 16.84 -15.78 4.51
C ILE A 105 17.43 -15.30 3.18
N LEU A 106 16.89 -15.81 2.07
CA LEU A 106 17.35 -15.34 0.76
C LEU A 106 17.03 -13.87 0.57
N PHE A 107 15.87 -13.42 1.05
CA PHE A 107 15.49 -12.02 0.93
C PHE A 107 16.42 -11.12 1.75
N ILE A 108 16.77 -11.55 2.96
CA ILE A 108 17.69 -10.78 3.79
C ILE A 108 19.08 -10.74 3.18
N LEU A 109 19.53 -11.86 2.61
CA LEU A 109 20.81 -11.87 1.92
C LEU A 109 20.77 -10.97 0.69
N GLY A 110 19.63 -10.90 0.02
CA GLY A 110 19.48 -9.98 -1.09
C GLY A 110 19.55 -8.53 -0.64
N PHE A 111 18.92 -8.21 0.48
CA PHE A 111 19.05 -6.87 1.05
C PHE A 111 20.49 -6.56 1.40
N ALA A 112 21.20 -7.51 2.02
CA ALA A 112 22.59 -7.27 2.36
C ALA A 112 23.42 -7.02 1.11
N SER A 113 23.24 -7.84 0.08
CA SER A 113 24.01 -7.68 -1.15
C SER A 113 23.69 -6.36 -1.83
N GLY A 114 22.41 -5.97 -1.87
CA GLY A 114 22.07 -4.71 -2.48
C GLY A 114 22.60 -3.51 -1.72
N TYR A 115 22.45 -3.53 -0.39
CA TYR A 115 22.90 -2.42 0.43
C TYR A 115 24.42 -2.30 0.41
N LEU A 116 25.13 -3.42 0.22
CA LEU A 116 26.59 -3.40 0.24
C LEU A 116 27.21 -3.20 -1.14
N PHE A 117 26.48 -3.51 -2.22
CA PHE A 117 27.04 -3.46 -3.56
C PHE A 117 26.44 -2.37 -4.44
N LEU A 118 25.31 -1.78 -4.05
CA LEU A 118 24.67 -0.74 -4.85
C LEU A 118 24.93 0.66 -4.28
N GLY A 119 25.87 0.78 -3.34
CA GLY A 119 26.27 2.09 -2.86
C GLY A 119 27.19 2.78 -3.83
N TYR A 120 28.19 2.05 -4.33
CA TYR A 120 29.09 2.61 -5.34
C TYR A 120 28.35 3.06 -6.58
N PRO A 121 27.40 2.30 -7.16
CA PRO A 121 26.58 2.88 -8.23
C PRO A 121 25.78 4.08 -7.77
N ALA A 122 25.33 4.09 -6.52
CA ALA A 122 24.50 5.20 -6.03
C ALA A 122 25.28 6.51 -6.02
N ASP A 123 26.53 6.48 -5.56
CA ASP A 123 27.34 7.69 -5.54
C ASP A 123 28.16 7.89 -6.81
N ARG A 124 28.16 6.95 -7.75
CA ARG A 124 28.86 7.12 -9.02
C ARG A 124 27.88 7.47 -10.15
N PHE A 125 26.89 6.62 -10.39
CA PHE A 125 25.94 6.89 -11.47
C PHE A 125 25.01 8.04 -11.13
N GLY A 126 24.49 8.06 -9.92
CA GLY A 126 23.57 9.09 -9.49
C GLY A 126 22.57 8.53 -8.51
N ARG A 127 21.91 9.44 -7.79
CA ARG A 127 20.94 9.07 -6.78
C ARG A 127 19.51 9.01 -7.30
N ARG A 128 19.29 9.29 -8.58
CA ARG A 128 17.95 9.29 -9.16
C ARG A 128 17.74 8.15 -10.14
N GLY A 129 18.67 7.96 -11.08
CA GLY A 129 18.51 6.90 -12.05
C GLY A 129 18.51 5.51 -11.43
N ILE A 130 19.27 5.33 -10.34
CA ILE A 130 19.30 4.04 -9.68
C ILE A 130 17.94 3.70 -9.10
N VAL A 131 17.22 4.71 -8.58
CA VAL A 131 15.88 4.47 -8.04
C VAL A 131 14.95 3.99 -9.14
N LEU A 132 14.97 4.67 -10.28
CA LEU A 132 14.09 4.30 -11.39
C LEU A 132 14.42 2.88 -11.89
N LEU A 133 15.71 2.58 -12.06
CA LEU A 133 16.10 1.27 -12.55
C LEU A 133 15.69 0.18 -11.55
N THR A 134 15.97 0.41 -10.27
CA THR A 134 15.66 -0.59 -9.25
C THR A 134 14.15 -0.81 -9.12
N LEU A 135 13.35 0.24 -9.21
CA LEU A 135 11.91 0.07 -9.12
C LEU A 135 11.34 -0.61 -10.36
N GLY A 136 11.78 -0.18 -11.55
CA GLY A 136 11.34 -0.80 -12.78
C GLY A 136 11.81 -2.22 -12.95
N LEU A 137 12.79 -2.65 -12.16
CA LEU A 137 13.14 -4.06 -12.09
C LEU A 137 12.45 -4.79 -10.93
N VAL A 138 12.11 -4.08 -9.85
CA VAL A 138 11.36 -4.68 -8.75
C VAL A 138 10.00 -5.14 -9.23
N GLY A 139 9.33 -4.30 -10.02
CA GLY A 139 8.01 -4.64 -10.53
C GLY A 139 7.95 -6.01 -11.17
N PRO A 140 8.61 -6.16 -12.33
CA PRO A 140 8.59 -7.47 -13.00
C PRO A 140 9.22 -8.58 -12.19
N CYS A 141 10.28 -8.30 -11.44
CA CYS A 141 10.91 -9.35 -10.64
C CYS A 141 9.97 -9.86 -9.55
N GLY A 142 9.29 -8.94 -8.86
CA GLY A 142 8.31 -9.36 -7.87
C GLY A 142 7.16 -10.12 -8.48
N VAL A 143 6.68 -9.66 -9.64
CA VAL A 143 5.58 -10.37 -10.31
C VAL A 143 6.01 -11.78 -10.67
N GLY A 144 7.20 -11.93 -11.24
CA GLY A 144 7.69 -13.25 -11.59
C GLY A 144 7.90 -14.15 -10.38
N GLY A 145 8.45 -13.59 -9.31
CA GLY A 145 8.62 -14.37 -8.09
C GLY A 145 7.30 -14.85 -7.52
N ALA A 146 6.27 -14.01 -7.58
CA ALA A 146 4.93 -14.42 -7.18
C ALA A 146 4.26 -15.33 -8.21
N ALA A 147 4.78 -15.40 -9.43
CA ALA A 147 4.16 -16.16 -10.52
C ALA A 147 4.83 -17.52 -10.74
N ALA A 148 6.13 -17.52 -11.02
CA ALA A 148 6.84 -18.74 -11.38
C ALA A 148 7.14 -19.55 -10.14
N GLY A 149 6.40 -20.64 -9.95
CA GLY A 149 6.61 -21.51 -8.81
C GLY A 149 7.31 -22.81 -9.16
N SER A 150 8.59 -22.92 -8.79
CA SER A 150 9.35 -24.12 -9.07
C SER A 150 10.22 -24.57 -7.92
N SER A 151 10.26 -23.84 -6.80
CA SER A 151 10.99 -24.14 -5.58
C SER A 151 12.51 -24.07 -5.74
N THR A 152 13.01 -23.85 -6.95
CA THR A 152 14.44 -23.61 -7.18
C THR A 152 14.70 -22.23 -7.75
N GLY A 153 13.92 -21.81 -8.75
CA GLY A 153 13.95 -20.43 -9.19
C GLY A 153 13.17 -19.49 -8.32
N ILE A 154 12.27 -20.02 -7.48
CA ILE A 154 11.52 -19.17 -6.56
C ILE A 154 12.48 -18.39 -5.67
N MET A 155 13.45 -19.07 -5.08
CA MET A 155 14.42 -18.40 -4.24
C MET A 155 15.34 -17.49 -5.05
N ALA A 156 15.62 -17.84 -6.30
CA ALA A 156 16.48 -17.00 -7.13
C ALA A 156 15.83 -15.66 -7.41
N LEU A 157 14.58 -15.67 -7.89
CA LEU A 157 13.86 -14.42 -8.08
C LEU A 157 13.54 -13.72 -6.77
N ARG A 158 13.38 -14.45 -5.67
CA ARG A 158 13.22 -13.78 -4.38
C ARG A 158 14.48 -13.02 -3.98
N PHE A 159 15.65 -13.63 -4.18
CA PHE A 159 16.90 -12.94 -3.90
C PHE A 159 17.07 -11.73 -4.82
N LEU A 160 16.74 -11.89 -6.11
CA LEU A 160 16.86 -10.77 -7.03
C LEU A 160 15.92 -9.64 -6.64
N LEU A 161 14.68 -9.98 -6.24
CA LEU A 161 13.74 -8.97 -5.78
C LEU A 161 14.26 -8.28 -4.52
N GLY A 162 14.85 -9.05 -3.60
CA GLY A 162 15.42 -8.44 -2.41
C GLY A 162 16.56 -7.50 -2.74
N PHE A 163 17.41 -7.87 -3.69
CA PHE A 163 18.51 -7.02 -4.13
C PHE A 163 17.99 -5.72 -4.72
N LEU A 164 17.00 -5.81 -5.60
CA LEU A 164 16.46 -4.62 -6.23
C LEU A 164 15.70 -3.75 -5.24
N LEU A 165 15.00 -4.38 -4.29
CA LEU A 165 14.33 -3.62 -3.24
C LEU A 165 15.35 -2.92 -2.35
N ALA A 166 16.48 -3.56 -2.09
CA ALA A 166 17.55 -2.91 -1.35
C ALA A 166 18.05 -1.69 -2.09
N GLY A 167 18.27 -1.83 -3.40
CA GLY A 167 18.73 -0.70 -4.20
C GLY A 167 17.74 0.45 -4.18
N VAL A 168 16.45 0.15 -4.38
CA VAL A 168 15.46 1.21 -4.43
C VAL A 168 15.28 1.86 -3.06
N ASP A 169 15.37 1.06 -1.99
CA ASP A 169 15.27 1.63 -0.65
C ASP A 169 16.42 2.58 -0.36
N LEU A 170 17.65 2.19 -0.71
CA LEU A 170 18.79 3.06 -0.50
C LEU A 170 18.69 4.32 -1.34
N GLY A 171 18.27 4.19 -2.60
CA GLY A 171 18.12 5.38 -3.44
C GLY A 171 17.04 6.32 -2.94
N VAL A 172 15.91 5.76 -2.50
CA VAL A 172 14.84 6.58 -1.95
C VAL A 172 15.31 7.28 -0.69
N TYR A 173 16.09 6.59 0.15
CA TYR A 173 16.63 7.23 1.35
C TYR A 173 17.53 8.40 0.98
N LEU A 174 18.40 8.20 0.00
CA LEU A 174 19.29 9.29 -0.42
C LEU A 174 18.49 10.47 -0.96
N MET A 175 17.49 10.21 -1.79
CA MET A 175 16.69 11.30 -2.35
C MET A 175 15.89 12.01 -1.28
N ARG A 176 15.35 11.26 -0.31
CA ARG A 176 14.63 11.88 0.80
C ARG A 176 15.54 12.79 1.59
N LEU A 177 16.76 12.34 1.89
CA LEU A 177 17.66 13.13 2.70
C LEU A 177 18.27 14.29 1.93
N GLU A 178 18.26 14.23 0.60
CA GLU A 178 18.80 15.32 -0.20
C GLU A 178 17.76 16.39 -0.52
N LEU A 179 16.63 15.99 -1.11
CA LEU A 179 15.63 16.96 -1.55
C LEU A 179 15.02 17.71 -0.38
N CYS A 180 14.69 17.01 0.70
CA CYS A 180 14.01 17.63 1.82
C CYS A 180 14.91 18.62 2.55
N ASP A 181 14.29 19.68 3.07
CA ASP A 181 15.04 20.67 3.83
C ASP A 181 15.51 20.07 5.15
N PRO A 182 16.69 20.46 5.62
CA PRO A 182 17.21 19.91 6.88
C PRO A 182 16.35 20.25 8.10
N THR A 183 15.51 21.28 8.01
CA THR A 183 14.68 21.66 9.15
C THR A 183 13.67 20.58 9.51
N GLN A 184 13.06 19.95 8.49
CA GLN A 184 12.03 18.95 8.71
C GLN A 184 12.37 17.61 8.06
N ARG A 185 13.65 17.41 7.69
CA ARG A 185 14.06 16.14 7.11
C ARG A 185 13.85 14.99 8.08
N LEU A 186 13.91 15.26 9.38
CA LEU A 186 13.73 14.22 10.39
C LEU A 186 12.34 13.60 10.29
N ARG A 187 11.31 14.43 10.15
CA ARG A 187 9.95 13.91 10.05
C ARG A 187 9.77 13.10 8.78
N VAL A 188 10.38 13.53 7.67
CA VAL A 188 10.32 12.76 6.44
C VAL A 188 10.98 11.40 6.62
N ALA A 189 12.16 11.38 7.25
CA ALA A 189 12.87 10.13 7.45
C ALA A 189 12.08 9.19 8.34
N LEU A 190 11.41 9.73 9.37
CA LEU A 190 10.56 8.89 10.21
C LEU A 190 9.38 8.34 9.41
N ALA A 191 8.75 9.18 8.59
CA ALA A 191 7.64 8.70 7.76
C ALA A 191 8.14 7.80 6.64
N GLY A 192 9.39 7.97 6.22
CA GLY A 192 9.98 7.10 5.24
C GLY A 192 10.50 5.79 5.77
N GLU A 193 10.40 5.56 7.09
CA GLU A 193 10.81 4.30 7.69
C GLU A 193 9.63 3.41 8.07
N LEU A 194 8.43 3.98 8.19
CA LEU A 194 7.22 3.22 8.43
C LEU A 194 6.42 2.98 7.16
N VAL A 195 6.98 3.32 6.00
CA VAL A 195 6.29 3.08 4.73
C VAL A 195 6.09 1.59 4.51
N GLY A 196 7.15 0.80 4.74
CA GLY A 196 6.99 -0.64 4.72
C GLY A 196 6.11 -1.16 5.83
N VAL A 197 6.14 -0.51 7.00
CA VAL A 197 5.22 -0.85 8.07
C VAL A 197 3.79 -0.67 7.59
N GLY A 198 3.51 0.46 6.93
CA GLY A 198 2.19 0.69 6.40
C GLY A 198 1.78 -0.33 5.35
N GLY A 199 2.71 -0.68 4.46
CA GLY A 199 2.40 -1.68 3.44
C GLY A 199 2.07 -3.03 4.04
N HIS A 200 2.88 -3.48 5.01
CA HIS A 200 2.64 -4.76 5.65
C HIS A 200 1.33 -4.75 6.45
N PHE A 201 1.07 -3.67 7.19
CA PHE A 201 -0.17 -3.59 7.94
C PHE A 201 -1.38 -3.58 7.02
N LEU A 202 -1.28 -2.90 5.88
CA LEU A 202 -2.37 -2.90 4.92
C LEU A 202 -2.57 -4.29 4.33
N PHE A 203 -1.48 -4.99 4.04
CA PHE A 203 -1.61 -6.36 3.53
C PHE A 203 -2.33 -7.25 4.52
N LEU A 204 -1.96 -7.15 5.80
CA LEU A 204 -2.61 -7.95 6.83
C LEU A 204 -4.07 -7.54 7.01
N GLY A 205 -4.37 -6.25 6.96
CA GLY A 205 -5.75 -5.82 7.04
C GLY A 205 -6.58 -6.33 5.88
N LEU A 206 -5.99 -6.32 4.68
CA LEU A 206 -6.65 -6.89 3.51
C LEU A 206 -6.96 -8.36 3.74
N ALA A 207 -5.97 -9.13 4.19
CA ALA A 207 -6.19 -10.55 4.43
C ALA A 207 -7.26 -10.78 5.48
N LEU A 208 -7.31 -9.91 6.50
CA LEU A 208 -8.32 -10.05 7.55
C LEU A 208 -9.71 -9.77 7.01
N VAL A 209 -9.89 -8.64 6.32
CA VAL A 209 -11.22 -8.30 5.81
C VAL A 209 -11.64 -9.25 4.70
N SER A 210 -10.67 -9.67 3.86
CA SER A 210 -10.97 -10.67 2.85
C SER A 210 -11.23 -12.04 3.46
N LYS A 211 -10.85 -12.23 4.73
CA LYS A 211 -10.94 -13.52 5.41
C LYS A 211 -10.22 -14.63 4.66
N ASP A 212 -9.29 -14.27 3.77
CA ASP A 212 -8.61 -15.24 2.91
C ASP A 212 -7.24 -15.52 3.53
N TRP A 213 -7.24 -16.33 4.58
CA TRP A 213 -6.01 -16.84 5.18
C TRP A 213 -5.61 -18.17 4.55
N ARG A 214 -5.57 -18.21 3.22
CA ARG A 214 -5.31 -19.44 2.49
C ARG A 214 -3.86 -19.58 2.05
N PHE A 215 -3.12 -18.49 1.93
CA PHE A 215 -1.67 -18.62 1.76
C PHE A 215 -0.99 -19.09 3.04
N LEU A 216 -1.72 -19.10 4.16
CA LEU A 216 -1.30 -19.78 5.37
C LEU A 216 -1.72 -21.25 5.28
N GLN A 217 -1.66 -21.95 6.43
CA GLN A 217 -2.12 -23.33 6.56
C GLN A 217 -1.20 -24.30 5.83
N ARG A 218 -0.21 -23.78 5.12
CA ARG A 218 0.88 -24.59 4.59
C ARG A 218 2.16 -24.39 5.36
N MET A 219 2.30 -23.24 6.03
CA MET A 219 3.51 -22.90 6.76
C MET A 219 3.56 -23.68 8.06
N ILE A 220 4.54 -24.56 8.20
CA ILE A 220 4.67 -25.35 9.42
C ILE A 220 4.94 -24.43 10.62
N THR A 221 5.83 -23.45 10.44
CA THR A 221 6.12 -22.47 11.45
C THR A 221 5.56 -21.11 11.05
N ALA A 222 5.48 -20.22 12.02
CA ALA A 222 4.96 -18.88 11.75
C ALA A 222 5.93 -18.11 10.85
N PRO A 223 5.43 -17.32 9.90
CA PRO A 223 6.32 -16.56 9.02
C PRO A 223 7.08 -15.49 9.78
N CYS A 224 8.26 -15.16 9.25
CA CYS A 224 9.02 -14.04 9.77
C CYS A 224 8.26 -12.73 9.57
N ILE A 225 8.39 -11.83 10.54
CA ILE A 225 7.77 -10.51 10.48
C ILE A 225 8.87 -9.53 10.05
N LEU A 226 8.87 -9.17 8.77
CA LEU A 226 9.89 -8.30 8.21
C LEU A 226 9.33 -7.08 7.50
N PHE A 227 8.01 -6.90 7.49
CA PHE A 227 7.36 -5.77 6.82
C PHE A 227 7.61 -5.81 5.32
N LEU A 228 8.85 -5.53 4.91
CA LEU A 228 9.17 -5.41 3.49
C LEU A 228 8.99 -6.70 2.71
N PHE A 229 8.86 -7.85 3.39
CA PHE A 229 8.49 -9.07 2.69
C PHE A 229 7.12 -8.93 2.04
N TYR A 230 6.16 -8.35 2.76
CA TYR A 230 4.83 -8.08 2.23
C TYR A 230 4.50 -6.60 2.19
N GLY A 231 5.42 -5.74 2.61
CA GLY A 231 5.27 -4.29 2.51
C GLY A 231 6.03 -3.67 1.37
N TRP A 232 6.59 -4.46 0.47
CA TRP A 232 7.17 -3.96 -0.77
C TRP A 232 6.13 -3.63 -1.84
N PRO A 233 5.01 -4.44 -2.00
CA PRO A 233 4.21 -4.35 -3.24
C PRO A 233 4.01 -2.96 -3.82
N GLY A 234 3.60 -2.01 -3.00
CA GLY A 234 3.37 -0.68 -3.52
C GLY A 234 3.91 0.42 -2.65
N LEU A 235 4.39 0.07 -1.46
CA LEU A 235 4.87 1.10 -0.54
C LEU A 235 6.03 1.90 -1.13
N PHE A 236 6.90 1.26 -1.90
CA PHE A 236 7.99 1.98 -2.55
C PHE A 236 7.55 2.67 -3.83
N LEU A 237 6.61 2.09 -4.57
CA LEU A 237 6.03 2.80 -5.71
C LEU A 237 5.06 3.88 -5.28
N GLU A 238 4.54 3.81 -4.05
CA GLU A 238 3.85 4.96 -3.46
C GLU A 238 4.83 6.00 -2.97
N SER A 239 6.04 5.59 -2.59
CA SER A 239 7.12 6.51 -2.27
C SER A 239 7.84 7.04 -3.51
N ALA A 240 7.26 6.85 -4.69
CA ALA A 240 7.73 7.49 -5.91
C ALA A 240 7.36 8.96 -5.96
N ARG A 241 6.65 9.47 -4.95
CA ARG A 241 6.37 10.90 -4.84
C ARG A 241 7.65 11.71 -4.85
N TRP A 242 8.74 11.15 -4.33
CA TRP A 242 10.02 11.85 -4.35
C TRP A 242 10.54 12.01 -5.77
N LEU A 243 10.27 11.03 -6.65
CA LEU A 243 10.63 11.20 -8.05
C LEU A 243 9.85 12.36 -8.68
N ILE A 244 8.58 12.48 -8.34
CA ILE A 244 7.78 13.60 -8.82
C ILE A 244 8.34 14.91 -8.31
N VAL A 245 8.71 14.96 -7.02
CA VAL A 245 9.27 16.16 -6.42
C VAL A 245 10.56 16.56 -7.13
N LYS A 246 11.44 15.58 -7.37
CA LYS A 246 12.68 15.86 -8.08
C LYS A 246 12.40 16.35 -9.49
N ARG A 247 11.39 15.79 -10.15
CA ARG A 247 11.03 16.23 -11.49
C ARG A 247 10.60 17.70 -11.49
N GLN A 248 9.73 18.08 -10.54
CA GLN A 248 9.29 19.47 -10.48
C GLN A 248 10.45 20.40 -10.11
N ILE A 249 11.34 19.97 -9.21
CA ILE A 249 12.47 20.80 -8.84
C ILE A 249 13.39 21.03 -10.04
N GLU A 250 13.67 19.97 -10.79
CA GLU A 250 14.52 20.10 -11.98
C GLU A 250 13.84 20.98 -13.03
N GLU A 251 12.53 20.83 -13.20
CA GLU A 251 11.80 21.67 -14.16
C GLU A 251 11.87 23.14 -13.75
N ALA A 252 11.69 23.43 -12.46
CA ALA A 252 11.79 24.80 -11.99
C ALA A 252 13.19 25.36 -12.19
N GLN A 253 14.21 24.54 -11.93
CA GLN A 253 15.60 24.98 -12.15
C GLN A 253 15.85 25.27 -13.62
N SER A 254 15.34 24.43 -14.51
CA SER A 254 15.48 24.68 -15.94
C SER A 254 14.76 25.95 -16.36
N VAL A 255 13.57 26.18 -15.80
CA VAL A 255 12.82 27.39 -16.11
C VAL A 255 13.59 28.62 -15.67
N LEU A 256 14.15 28.59 -14.46
CA LEU A 256 14.93 29.72 -13.95
C LEU A 256 16.21 29.93 -14.73
N ARG A 257 16.68 28.92 -15.46
CA ARG A 257 17.91 29.05 -16.25
C ARG A 257 17.67 29.90 -17.48
N ASN A 303 38.27 8.97 12.13
CA ASN A 303 37.21 9.93 12.38
C ASN A 303 35.86 9.44 11.84
N ILE A 304 35.73 9.39 10.52
CA ILE A 304 34.50 8.90 9.92
C ILE A 304 34.30 7.42 10.23
N TRP A 305 35.37 6.63 10.12
CA TRP A 305 35.26 5.20 10.39
C TRP A 305 34.95 4.92 11.84
N LYS A 306 35.34 5.82 12.75
CA LYS A 306 35.05 5.62 14.17
C LYS A 306 33.55 5.63 14.41
N ASN A 307 32.82 6.56 13.81
CA ASN A 307 31.38 6.62 13.96
C ASN A 307 30.65 5.61 13.07
N LEU A 308 31.34 5.05 12.07
CA LEU A 308 30.70 4.03 11.23
C LEU A 308 30.54 2.72 11.98
N LEU A 309 31.59 2.30 12.70
CA LEU A 309 31.52 1.04 13.44
C LEU A 309 30.56 1.12 14.60
N ILE A 310 30.57 2.23 15.34
CA ILE A 310 29.64 2.38 16.46
C ILE A 310 28.20 2.36 15.97
N LEU A 311 27.93 3.07 14.87
CA LEU A 311 26.58 3.08 14.31
C LEU A 311 26.26 1.80 13.57
N GLY A 312 27.26 1.17 12.94
CA GLY A 312 27.02 -0.11 12.29
C GLY A 312 26.60 -1.19 13.27
N PHE A 313 27.34 -1.30 14.38
CA PHE A 313 26.97 -2.28 15.40
C PHE A 313 25.64 -1.93 16.04
N THR A 314 25.40 -0.65 16.31
CA THR A 314 24.12 -0.24 16.89
C THR A 314 22.96 -0.58 15.96
N ASN A 315 23.12 -0.31 14.66
CA ASN A 315 22.08 -0.66 13.72
C ASN A 315 21.91 -2.17 13.59
N PHE A 316 23.02 -2.91 13.63
CA PHE A 316 22.94 -4.37 13.54
C PHE A 316 22.26 -4.96 14.77
N ILE A 317 22.65 -4.50 15.97
CA ILE A 317 22.06 -5.03 17.19
C ILE A 317 20.58 -4.68 17.27
N ALA A 318 20.23 -3.44 16.92
CA ALA A 318 18.84 -3.02 17.02
C ALA A 318 17.92 -3.80 16.09
N HIS A 319 18.47 -4.45 15.07
CA HIS A 319 17.67 -5.29 14.19
C HIS A 319 17.60 -6.73 14.69
N ALA A 320 18.74 -7.30 15.07
CA ALA A 320 18.79 -8.69 15.49
C ALA A 320 18.18 -8.92 16.85
N ILE A 321 17.87 -7.86 17.61
CA ILE A 321 17.26 -8.03 18.92
C ILE A 321 15.76 -7.77 18.90
N ARG A 322 15.23 -7.18 17.82
CA ARG A 322 13.79 -6.98 17.72
C ARG A 322 13.05 -8.31 17.70
N HIS A 323 13.56 -9.28 16.93
CA HIS A 323 12.90 -10.57 16.83
C HIS A 323 13.02 -11.39 18.10
N CYS A 324 13.94 -11.03 19.00
CA CYS A 324 14.09 -11.73 20.27
C CYS A 324 13.01 -11.37 21.28
N TYR A 325 12.28 -10.28 21.05
CA TYR A 325 11.16 -9.90 21.92
C TYR A 325 9.90 -10.63 21.46
N GLN A 326 9.92 -11.94 21.66
CA GLN A 326 8.83 -12.81 21.23
C GLN A 326 8.81 -14.07 22.08
N PRO A 327 8.36 -13.98 23.35
CA PRO A 327 8.37 -15.17 24.21
C PRO A 327 7.45 -16.28 23.71
N VAL A 328 6.47 -15.96 22.87
CA VAL A 328 5.53 -16.99 22.37
C VAL A 328 6.17 -17.60 21.13
N GLY A 329 7.05 -18.57 21.37
CA GLY A 329 7.74 -19.24 20.28
C GLY A 329 8.53 -18.28 19.42
N GLY A 330 8.41 -18.45 18.11
CA GLY A 330 9.01 -17.53 17.17
C GLY A 330 7.99 -16.94 16.24
N GLY A 331 6.80 -16.67 16.78
CA GLY A 331 5.67 -16.20 16.01
C GLY A 331 4.38 -16.83 16.52
N GLY A 332 4.53 -17.86 17.35
CA GLY A 332 3.39 -18.52 17.95
C GLY A 332 2.46 -19.18 16.95
N SER A 333 3.03 -19.88 15.96
CA SER A 333 2.30 -20.54 14.88
C SER A 333 1.65 -19.51 13.97
N PRO A 334 1.41 -19.83 12.70
CA PRO A 334 0.76 -18.86 11.80
C PRO A 334 -0.61 -18.41 12.27
N SER A 335 -1.25 -19.14 13.19
CA SER A 335 -2.54 -18.72 13.72
C SER A 335 -2.41 -17.39 14.46
N ASP A 336 -1.32 -17.19 15.19
CA ASP A 336 -1.08 -15.96 15.93
C ASP A 336 -0.26 -14.96 15.12
N PHE A 337 0.00 -15.23 13.84
CA PHE A 337 0.86 -14.36 13.06
C PHE A 337 0.26 -12.96 12.92
N TYR A 338 -1.04 -12.87 12.66
CA TYR A 338 -1.67 -11.56 12.53
C TYR A 338 -1.63 -10.80 13.84
N LEU A 339 -1.80 -11.49 14.96
CA LEU A 339 -1.74 -10.83 16.26
C LEU A 339 -0.34 -10.27 16.53
N CYS A 340 0.69 -10.89 15.99
CA CYS A 340 2.05 -10.39 16.13
C CYS A 340 2.40 -9.36 15.07
N SER A 341 1.90 -9.54 13.83
CA SER A 341 2.12 -8.55 12.80
C SER A 341 1.44 -7.24 13.14
N LEU A 342 0.21 -7.29 13.63
CA LEU A 342 -0.46 -6.08 14.10
C LEU A 342 0.27 -5.47 15.27
N LEU A 343 0.74 -6.31 16.20
CA LEU A 343 1.48 -5.81 17.36
C LEU A 343 2.78 -5.16 16.92
N ALA A 344 3.58 -5.86 16.12
CA ALA A 344 4.87 -5.33 15.70
C ALA A 344 4.72 -4.06 14.87
N SER A 345 3.75 -4.05 13.94
CA SER A 345 3.47 -2.84 13.19
C SER A 345 2.87 -1.76 14.09
N GLY A 346 1.95 -2.15 14.97
CA GLY A 346 1.41 -1.18 15.90
C GLY A 346 2.45 -0.67 16.89
N THR A 347 3.35 -1.55 17.32
CA THR A 347 4.43 -1.13 18.21
C THR A 347 5.41 -0.21 17.48
N ALA A 348 5.58 -0.39 16.17
CA ALA A 348 6.38 0.53 15.38
C ALA A 348 5.70 1.89 15.24
N ALA A 349 4.38 1.94 15.32
CA ALA A 349 3.68 3.22 15.25
C ALA A 349 4.01 4.09 16.46
N LEU A 350 3.91 3.52 17.66
CA LEU A 350 4.29 4.29 18.84
C LEU A 350 5.80 4.47 18.92
N ALA A 351 6.56 3.53 18.34
CA ALA A 351 8.01 3.66 18.30
C ALA A 351 8.47 4.81 17.42
N CYS A 352 7.58 5.41 16.62
CA CYS A 352 7.87 6.62 15.88
C CYS A 352 7.26 7.86 16.51
N VAL A 353 6.51 7.71 17.61
CA VAL A 353 5.88 8.84 18.27
C VAL A 353 6.85 9.45 19.27
N PHE A 354 7.24 8.67 20.28
CA PHE A 354 8.20 9.17 21.26
C PHE A 354 9.59 9.33 20.65
N LEU A 355 9.85 8.69 19.52
CA LEU A 355 11.05 8.94 18.74
C LEU A 355 10.87 10.10 17.77
N GLY A 356 9.63 10.51 17.51
CA GLY A 356 9.37 11.58 16.57
C GLY A 356 9.23 12.96 17.20
N VAL A 357 8.78 13.01 18.44
CA VAL A 357 8.49 14.27 19.12
C VAL A 357 9.52 14.63 20.17
N THR A 358 10.50 13.77 20.43
CA THR A 358 11.47 14.02 21.49
C THR A 358 12.90 14.17 20.99
N VAL A 359 13.24 13.58 19.84
CA VAL A 359 14.64 13.62 19.39
C VAL A 359 15.04 15.03 18.98
N ASP A 360 14.09 15.84 18.50
CA ASP A 360 14.41 17.22 18.14
C ASP A 360 14.85 18.01 19.37
N ARG A 361 14.12 17.87 20.48
CA ARG A 361 14.49 18.57 21.70
C ARG A 361 15.71 17.94 22.39
N PHE A 362 15.75 16.62 22.45
CA PHE A 362 16.79 15.91 23.20
C PHE A 362 18.03 15.62 22.38
N GLY A 363 18.00 15.83 21.08
CA GLY A 363 19.14 15.46 20.25
C GLY A 363 19.07 14.02 19.79
N ARG A 364 19.69 13.76 18.65
CA ARG A 364 19.65 12.41 18.08
C ARG A 364 20.56 11.45 18.84
N ARG A 365 21.68 11.95 19.38
CA ARG A 365 22.58 11.09 20.13
C ARG A 365 22.03 10.78 21.53
N GLY A 366 21.38 11.76 22.16
CA GLY A 366 20.87 11.54 23.50
C GLY A 366 19.78 10.49 23.55
N ILE A 367 18.83 10.56 22.62
CA ILE A 367 17.76 9.57 22.58
C ILE A 367 18.31 8.20 22.19
N LEU A 368 19.26 8.17 21.25
CA LEU A 368 19.84 6.90 20.84
C LEU A 368 20.44 6.16 22.02
N LEU A 369 21.06 6.89 22.95
CA LEU A 369 21.51 6.27 24.19
C LEU A 369 20.32 5.79 25.01
N LEU A 370 19.25 6.58 25.06
CA LEU A 370 18.07 6.18 25.83
C LEU A 370 17.30 5.08 25.09
N SER A 371 17.22 5.16 23.77
CA SER A 371 16.56 4.11 23.00
C SER A 371 17.39 2.83 22.92
N MET A 372 18.64 2.86 23.38
CA MET A 372 19.45 1.66 23.50
C MET A 372 19.59 1.18 24.93
N THR A 373 19.33 2.03 25.92
CA THR A 373 19.29 1.59 27.30
C THR A 373 17.90 1.15 27.74
N LEU A 374 16.85 1.59 27.05
CA LEU A 374 15.51 1.08 27.33
C LEU A 374 15.42 -0.41 27.01
N THR A 375 15.99 -0.81 25.87
CA THR A 375 16.14 -2.23 25.55
C THR A 375 17.25 -2.88 26.36
N GLY A 376 18.04 -2.09 27.08
CA GLY A 376 18.99 -2.60 28.03
C GLY A 376 18.42 -2.92 29.39
N ILE A 377 17.14 -2.61 29.61
CA ILE A 377 16.43 -3.02 30.82
C ILE A 377 15.26 -3.90 30.42
N ALA A 378 14.75 -3.69 29.20
CA ALA A 378 13.64 -4.50 28.70
C ALA A 378 14.06 -5.92 28.33
N SER A 379 15.37 -6.20 28.31
CA SER A 379 15.86 -7.50 27.91
C SER A 379 16.54 -8.28 29.04
N LEU A 380 16.86 -7.62 30.15
CA LEU A 380 17.36 -8.35 31.31
C LEU A 380 16.21 -8.88 32.17
N VAL A 381 15.28 -8.00 32.54
CA VAL A 381 14.12 -8.43 33.32
C VAL A 381 13.29 -9.42 32.52
N LEU A 382 13.37 -9.36 31.19
CA LEU A 382 12.70 -10.35 30.36
C LEU A 382 13.36 -11.72 30.50
N LEU A 383 14.67 -11.75 30.74
CA LEU A 383 15.42 -13.00 30.85
C LEU A 383 15.94 -13.24 32.26
N GLY A 384 16.70 -12.29 32.81
CA GLY A 384 17.36 -12.51 34.09
C GLY A 384 16.44 -12.44 35.30
N LEU A 385 15.76 -11.30 35.47
CA LEU A 385 14.94 -11.05 36.64
C LEU A 385 13.46 -11.34 36.41
N TRP A 386 13.16 -12.34 35.57
CA TRP A 386 11.77 -12.69 35.30
C TRP A 386 11.21 -13.61 36.38
N ASP A 387 11.41 -13.24 37.64
CA ASP A 387 10.94 -14.03 38.79
C ASP A 387 9.45 -13.76 38.96
N TYR A 388 8.63 -14.58 38.30
CA TYR A 388 7.18 -14.49 38.34
C TYR A 388 6.72 -13.10 37.86
N LEU A 389 6.96 -12.86 36.59
CA LEU A 389 6.45 -11.63 35.96
C LEU A 389 4.97 -11.72 35.61
N ASN A 390 4.29 -12.75 36.12
CA ASN A 390 2.82 -12.94 36.06
C ASN A 390 2.24 -12.77 34.66
N ASP A 391 3.05 -12.99 33.62
CA ASP A 391 2.59 -13.11 32.25
C ASP A 391 2.01 -11.80 31.70
N ALA A 392 1.91 -10.79 32.56
CA ALA A 392 1.46 -9.47 32.13
C ALA A 392 2.59 -8.45 32.11
N ALA A 393 3.56 -8.57 33.02
CA ALA A 393 4.79 -7.80 32.92
C ALA A 393 5.76 -8.38 31.90
N ILE A 394 5.46 -9.56 31.36
CA ILE A 394 6.23 -10.08 30.22
C ILE A 394 5.82 -9.40 28.93
N THR A 395 4.60 -8.88 28.85
CA THR A 395 4.12 -8.22 27.64
C THR A 395 4.32 -6.71 27.68
N THR A 396 4.25 -6.09 28.85
CA THR A 396 4.53 -4.65 28.92
C THR A 396 6.01 -4.35 28.72
N PHE A 397 6.88 -5.35 28.88
CA PHE A 397 8.31 -5.15 28.67
C PHE A 397 8.73 -5.51 27.25
N SER A 398 8.20 -6.61 26.71
CA SER A 398 8.48 -6.93 25.31
C SER A 398 7.96 -5.84 24.38
N VAL A 399 6.73 -5.37 24.62
CA VAL A 399 6.21 -4.27 23.82
C VAL A 399 6.98 -3.00 24.10
N LEU A 400 7.59 -2.88 25.29
CA LEU A 400 8.52 -1.79 25.55
C LEU A 400 9.87 -2.05 24.89
N GLY A 401 10.25 -3.33 24.77
CA GLY A 401 11.48 -3.64 24.05
C GLY A 401 11.38 -3.32 22.56
N LEU A 402 10.24 -3.61 21.95
CA LEU A 402 10.04 -3.29 20.55
C LEU A 402 10.02 -1.79 20.30
N PHE A 403 9.72 -0.99 21.33
CA PHE A 403 9.88 0.46 21.21
C PHE A 403 11.34 0.83 21.01
N SER A 404 12.17 0.49 21.99
CA SER A 404 13.58 0.88 21.96
C SER A 404 14.32 0.21 20.81
N SER A 405 14.03 -1.07 20.55
CA SER A 405 14.71 -1.77 19.48
C SER A 405 14.38 -1.17 18.12
N GLN A 406 13.12 -0.78 17.92
CA GLN A 406 12.70 -0.16 16.68
C GLN A 406 12.87 1.35 16.68
N ALA A 407 13.30 1.94 17.79
CA ALA A 407 13.69 3.33 17.82
C ALA A 407 15.21 3.52 17.76
N SER A 408 15.97 2.52 18.19
CA SER A 408 17.42 2.53 18.03
C SER A 408 17.86 1.97 16.69
N ALA A 409 16.93 1.53 15.85
CA ALA A 409 17.21 1.14 14.48
C ALA A 409 16.79 2.20 13.48
N ILE A 410 15.65 2.85 13.70
CA ILE A 410 15.24 3.96 12.85
C ILE A 410 16.14 5.17 13.06
N LEU A 411 16.40 5.50 14.34
CA LEU A 411 17.22 6.67 14.65
C LEU A 411 18.67 6.48 14.23
N SER A 412 19.21 5.28 14.42
CA SER A 412 20.61 5.04 14.06
C SER A 412 20.84 5.21 12.57
N THR A 413 19.84 4.90 11.75
CA THR A 413 19.98 5.14 10.31
C THR A 413 20.09 6.64 10.01
N LEU A 414 19.32 7.47 10.73
CA LEU A 414 19.39 8.91 10.52
C LEU A 414 20.76 9.46 10.90
N LEU A 415 21.30 9.00 12.03
CA LEU A 415 22.56 9.54 12.53
C LEU A 415 23.73 9.28 11.58
N ALA A 416 23.64 8.24 10.75
CA ALA A 416 24.72 7.96 9.82
C ALA A 416 24.85 9.04 8.75
N SER A 417 23.76 9.71 8.42
CA SER A 417 23.79 10.73 7.37
C SER A 417 24.67 11.91 7.77
N GLU A 418 24.59 12.34 9.02
CA GLU A 418 25.31 13.54 9.44
C GLU A 418 26.83 13.34 9.36
N ILE A 419 27.32 12.18 9.79
CA ILE A 419 28.76 11.96 9.85
C ILE A 419 29.37 11.94 8.45
N ILE A 420 28.76 11.19 7.55
CA ILE A 420 29.27 11.03 6.19
C ILE A 420 28.93 12.28 5.37
N PRO A 421 29.88 12.82 4.59
CA PRO A 421 29.58 14.01 3.79
C PRO A 421 28.63 13.70 2.64
N THR A 422 28.34 14.71 1.82
CA THR A 422 27.48 14.50 0.66
C THR A 422 28.11 13.51 -0.32
N THR A 423 29.42 13.62 -0.53
CA THR A 423 30.11 12.63 -1.35
C THR A 423 30.24 11.31 -0.57
N VAL A 424 30.33 10.22 -1.34
CA VAL A 424 30.46 8.85 -0.83
C VAL A 424 29.49 8.58 0.33
N ARG A 425 28.37 9.30 0.35
CA ARG A 425 27.39 9.10 1.41
C ARG A 425 26.75 7.73 1.33
N GLY A 426 26.42 7.25 0.13
CA GLY A 426 25.81 5.94 -0.01
C GLY A 426 26.73 4.79 0.29
N ARG A 427 28.05 5.01 0.19
CA ARG A 427 29.00 3.95 0.50
C ARG A 427 28.90 3.53 1.97
N GLY A 428 28.81 4.50 2.86
CA GLY A 428 28.77 4.21 4.28
C GLY A 428 27.37 4.14 4.86
N LEU A 429 26.51 5.06 4.46
CA LEU A 429 25.14 5.07 4.98
C LEU A 429 24.39 3.81 4.58
N GLY A 430 24.59 3.34 3.34
CA GLY A 430 24.02 2.07 2.94
C GLY A 430 24.63 0.90 3.71
N LEU A 431 25.93 0.99 4.00
CA LEU A 431 26.60 -0.10 4.72
C LEU A 431 26.07 -0.23 6.15
N ILE A 432 25.68 0.89 6.76
CA ILE A 432 25.16 0.84 8.12
C ILE A 432 23.89 0.01 8.18
N MET A 433 22.97 0.23 7.25
CA MET A 433 21.78 -0.62 7.21
C MET A 433 22.08 -1.97 6.56
N ALA A 434 23.17 -2.05 5.78
CA ALA A 434 23.61 -3.32 5.23
C ALA A 434 23.96 -4.27 6.37
N LEU A 435 24.63 -3.75 7.39
CA LEU A 435 24.81 -4.50 8.63
C LEU A 435 23.46 -4.77 9.28
N GLY A 436 22.59 -3.75 9.32
CA GLY A 436 21.27 -3.95 9.89
C GLY A 436 20.42 -4.92 9.11
N ALA A 437 20.40 -4.79 7.78
CA ALA A 437 19.62 -5.71 6.96
C ALA A 437 20.14 -7.13 7.09
N LEU A 438 21.47 -7.29 7.10
CA LEU A 438 22.06 -8.60 7.37
C LEU A 438 21.78 -9.05 8.79
N GLY A 439 21.50 -8.12 9.70
CA GLY A 439 21.12 -8.44 11.06
C GLY A 439 19.67 -8.82 11.23
N GLY A 440 18.90 -8.86 10.16
CA GLY A 440 17.52 -9.31 10.21
C GLY A 440 17.44 -10.81 10.13
N LEU A 441 18.59 -11.47 10.31
CA LEU A 441 18.68 -12.92 10.30
C LEU A 441 18.40 -13.54 11.65
N SER A 442 18.02 -12.75 12.65
CA SER A 442 17.77 -13.30 13.97
C SER A 442 16.63 -14.32 13.94
N CYS A 443 15.43 -13.89 13.60
CA CYS A 443 14.30 -14.80 13.57
C CYS A 443 14.43 -15.90 12.51
N PRO A 444 14.73 -15.60 11.23
CA PRO A 444 14.73 -16.67 10.22
C PRO A 444 15.84 -17.69 10.41
N ALA A 445 17.09 -17.21 10.54
CA ALA A 445 18.22 -18.12 10.51
C ALA A 445 18.33 -18.93 11.80
N GLN A 446 18.07 -18.33 12.94
CA GLN A 446 18.36 -19.04 14.17
C GLN A 446 17.17 -19.17 15.12
N ARG A 447 16.36 -18.13 15.26
CA ARG A 447 15.27 -18.18 16.24
C ARG A 447 14.24 -19.24 15.86
N LEU A 448 13.94 -19.37 14.57
CA LEU A 448 12.96 -20.37 14.15
C LEU A 448 13.60 -21.73 13.93
N HIS A 449 14.83 -21.76 13.40
CA HIS A 449 15.48 -23.03 13.11
C HIS A 449 15.74 -23.83 14.37
N MET A 450 16.36 -23.20 15.37
CA MET A 450 16.61 -23.89 16.64
C MET A 450 15.38 -23.85 17.54
N GLY A 451 14.93 -22.65 17.89
CA GLY A 451 13.76 -22.51 18.74
C GLY A 451 14.05 -22.83 20.20
N HIS A 452 14.33 -24.09 20.48
CA HIS A 452 14.68 -24.50 21.82
C HIS A 452 16.02 -23.91 22.22
N GLY A 453 16.08 -23.38 23.44
CA GLY A 453 17.29 -22.71 23.90
C GLY A 453 17.59 -21.44 23.15
N ALA A 454 16.56 -20.69 22.75
CA ALA A 454 16.75 -19.42 22.07
C ALA A 454 17.18 -18.31 23.01
N PHE A 455 17.15 -18.55 24.32
CA PHE A 455 17.65 -17.57 25.27
C PHE A 455 19.15 -17.35 25.09
N LEU A 456 19.87 -18.37 24.63
CA LEU A 456 21.31 -18.23 24.41
C LEU A 456 21.61 -17.18 23.35
N GLN A 457 20.74 -17.06 22.34
CA GLN A 457 20.90 -15.96 21.39
C GLN A 457 20.44 -14.64 21.98
N HIS A 458 19.41 -14.67 22.83
CA HIS A 458 18.92 -13.45 23.44
C HIS A 458 19.96 -12.84 24.38
N VAL A 459 20.61 -13.66 25.21
CA VAL A 459 21.59 -13.13 26.15
C VAL A 459 22.81 -12.62 25.40
N VAL A 460 23.22 -13.30 24.34
CA VAL A 460 24.37 -12.87 23.57
C VAL A 460 24.11 -11.51 22.94
N LEU A 461 22.91 -11.32 22.38
CA LEU A 461 22.57 -10.02 21.79
C LEU A 461 22.30 -8.98 22.86
N ALA A 462 21.63 -9.37 23.95
CA ALA A 462 21.39 -8.42 25.04
C ALA A 462 22.70 -7.98 25.69
N ALA A 463 23.63 -8.91 25.90
CA ALA A 463 24.94 -8.52 26.39
C ALA A 463 25.69 -7.68 25.36
N CYS A 464 25.44 -7.93 24.06
CA CYS A 464 26.04 -7.09 23.03
C CYS A 464 25.46 -5.69 23.05
N ALA A 465 24.22 -5.54 23.52
CA ALA A 465 23.65 -4.20 23.67
C ALA A 465 24.42 -3.39 24.71
N LEU A 466 25.01 -4.06 25.70
CA LEU A 466 25.88 -3.36 26.64
C LEU A 466 27.09 -2.79 25.93
N LEU A 467 27.67 -3.54 24.99
CA LEU A 467 28.79 -3.03 24.20
C LEU A 467 28.35 -1.82 23.37
N CYS A 468 27.16 -1.87 22.78
CA CYS A 468 26.67 -0.75 22.00
C CYS A 468 26.40 0.46 22.90
N ILE A 469 25.85 0.23 24.10
CA ILE A 469 25.60 1.33 25.04
C ILE A 469 26.91 1.98 25.44
N LEU A 470 27.92 1.17 25.76
CA LEU A 470 29.21 1.72 26.17
C LEU A 470 29.94 2.42 25.03
N SER A 471 29.52 2.19 23.78
CA SER A 471 30.15 2.85 22.64
C SER A 471 29.33 4.00 22.09
N ILE A 472 28.04 4.09 22.44
CA ILE A 472 27.22 5.21 21.99
C ILE A 472 27.72 6.51 22.60
N MET A 473 28.08 6.49 23.88
CA MET A 473 28.60 7.69 24.53
C MET A 473 29.92 8.14 23.90
N LEU A 474 30.63 7.22 23.24
CA LEU A 474 31.88 7.56 22.58
C LEU A 474 31.68 8.38 21.31
N LEU A 475 30.44 8.52 20.84
CA LEU A 475 30.16 9.29 19.63
C LEU A 475 30.46 10.78 19.84
N TRP B 98 -6.35 21.27 -17.11
CA TRP B 98 -5.19 21.42 -16.24
C TRP B 98 -4.17 20.31 -16.48
N GLN B 99 -2.95 20.51 -15.99
CA GLN B 99 -1.90 19.52 -16.19
C GLN B 99 -2.23 18.20 -15.50
N VAL B 100 -2.73 18.26 -14.27
CA VAL B 100 -3.06 17.03 -13.54
C VAL B 100 -4.32 16.39 -14.09
N ILE B 101 -5.36 17.21 -14.37
CA ILE B 101 -6.64 16.66 -14.76
C ILE B 101 -6.59 16.02 -16.14
N LEU B 102 -5.63 16.41 -16.98
CA LEU B 102 -5.48 15.72 -18.26
C LEU B 102 -5.00 14.30 -18.08
N GLU B 103 -4.20 14.05 -17.04
CA GLU B 103 -3.86 12.67 -16.69
C GLU B 103 -5.09 11.88 -16.30
N GLN B 104 -5.97 12.48 -15.51
CA GLN B 104 -7.15 11.77 -15.03
C GLN B 104 -8.08 11.39 -16.18
N ILE B 105 -8.29 12.31 -17.13
CA ILE B 105 -9.08 11.97 -18.30
C ILE B 105 -8.40 10.88 -19.11
N LEU B 106 -7.08 11.00 -19.29
CA LEU B 106 -6.33 9.96 -20.00
C LEU B 106 -6.35 8.65 -19.23
N PHE B 107 -6.20 8.72 -17.90
CA PHE B 107 -6.20 7.51 -17.09
C PHE B 107 -7.57 6.82 -17.16
N ILE B 108 -8.65 7.60 -17.06
CA ILE B 108 -9.98 7.03 -17.18
C ILE B 108 -10.20 6.45 -18.58
N LEU B 109 -9.80 7.21 -19.60
CA LEU B 109 -9.83 6.68 -20.96
C LEU B 109 -8.87 5.51 -21.11
N GLY B 110 -7.76 5.53 -20.37
CA GLY B 110 -6.94 4.33 -20.27
C GLY B 110 -7.65 3.20 -19.56
N PHE B 111 -8.42 3.55 -18.52
CA PHE B 111 -9.17 2.53 -17.80
C PHE B 111 -10.34 2.02 -18.64
N ALA B 112 -11.03 2.92 -19.33
CA ALA B 112 -12.17 2.51 -20.15
C ALA B 112 -11.72 1.68 -21.34
N SER B 113 -10.66 2.11 -22.02
CA SER B 113 -10.18 1.37 -23.19
C SER B 113 -9.68 -0.02 -22.80
N GLY B 114 -8.93 -0.10 -21.70
CA GLY B 114 -8.42 -1.39 -21.26
C GLY B 114 -9.52 -2.32 -20.81
N TYR B 115 -10.49 -1.79 -20.05
CA TYR B 115 -11.60 -2.61 -19.57
C TYR B 115 -12.40 -3.19 -20.74
N LEU B 116 -12.64 -2.37 -21.76
CA LEU B 116 -13.43 -2.82 -22.90
C LEU B 116 -12.62 -3.76 -23.80
N PHE B 117 -11.35 -3.45 -24.02
CA PHE B 117 -10.55 -4.22 -24.97
C PHE B 117 -9.97 -5.49 -24.35
N LEU B 118 -9.49 -5.41 -23.11
CA LEU B 118 -8.90 -6.57 -22.47
C LEU B 118 -9.98 -7.46 -21.86
N GLY B 119 -10.98 -7.84 -22.65
CA GLY B 119 -11.97 -8.80 -22.23
C GLY B 119 -11.89 -10.05 -23.06
N TYR B 120 -11.50 -9.89 -24.32
CA TYR B 120 -11.21 -11.04 -25.17
C TYR B 120 -10.05 -11.88 -24.65
N PRO B 121 -8.89 -11.31 -24.28
CA PRO B 121 -7.83 -12.15 -23.71
C PRO B 121 -8.24 -12.84 -22.41
N ALA B 122 -9.07 -12.18 -21.59
CA ALA B 122 -9.43 -12.75 -20.30
C ALA B 122 -10.24 -14.03 -20.42
N ASP B 123 -10.86 -14.27 -21.58
CA ASP B 123 -11.62 -15.50 -21.81
C ASP B 123 -11.00 -16.40 -22.84
N ARG B 124 -10.02 -15.93 -23.61
CA ARG B 124 -9.32 -16.73 -24.60
C ARG B 124 -7.96 -17.20 -24.13
N PHE B 125 -7.18 -16.32 -23.50
CA PHE B 125 -5.84 -16.63 -23.03
C PHE B 125 -5.81 -17.06 -21.58
N GLY B 126 -6.96 -17.14 -20.92
CA GLY B 126 -7.03 -17.52 -19.53
C GLY B 126 -7.08 -16.31 -18.60
N ARG B 127 -7.49 -16.58 -17.36
CA ARG B 127 -7.66 -15.54 -16.35
C ARG B 127 -6.44 -15.35 -15.47
N ARG B 128 -5.37 -16.10 -15.69
CA ARG B 128 -4.16 -15.98 -14.90
C ARG B 128 -3.00 -15.35 -15.65
N GLY B 129 -2.78 -15.77 -16.90
CA GLY B 129 -1.68 -15.20 -17.67
C GLY B 129 -1.85 -13.71 -17.93
N ILE B 130 -3.08 -13.26 -18.10
CA ILE B 130 -3.32 -11.84 -18.35
C ILE B 130 -2.94 -11.01 -17.13
N VAL B 131 -3.16 -11.55 -15.93
CA VAL B 131 -2.78 -10.83 -14.71
C VAL B 131 -1.27 -10.67 -14.64
N LEU B 132 -0.53 -11.74 -14.92
CA LEU B 132 0.94 -11.67 -14.85
C LEU B 132 1.49 -10.71 -15.90
N LEU B 133 0.93 -10.75 -17.12
CA LEU B 133 1.41 -9.88 -18.18
C LEU B 133 1.06 -8.42 -17.88
N THR B 134 -0.17 -8.15 -17.45
CA THR B 134 -0.58 -6.78 -17.16
C THR B 134 0.12 -6.23 -15.93
N LEU B 135 0.09 -6.99 -14.83
CA LEU B 135 0.73 -6.53 -13.60
C LEU B 135 2.24 -6.46 -13.77
N GLY B 136 2.82 -7.38 -14.54
CA GLY B 136 4.24 -7.31 -14.80
C GLY B 136 4.64 -6.02 -15.49
N LEU B 137 3.80 -5.53 -16.40
CA LEU B 137 4.07 -4.31 -17.14
C LEU B 137 3.62 -3.04 -16.41
N VAL B 138 2.81 -3.16 -15.36
CA VAL B 138 2.40 -1.99 -14.60
C VAL B 138 3.60 -1.35 -13.91
N GLY B 139 4.48 -2.17 -13.36
CA GLY B 139 5.67 -1.70 -12.68
C GLY B 139 6.49 -0.74 -13.51
N PRO B 140 7.07 -1.22 -14.61
CA PRO B 140 7.87 -0.31 -15.46
C PRO B 140 7.08 0.85 -16.02
N CYS B 141 5.80 0.62 -16.38
CA CYS B 141 5.00 1.69 -16.97
C CYS B 141 4.73 2.80 -15.97
N GLY B 142 4.34 2.44 -14.75
CA GLY B 142 4.08 3.45 -13.73
C GLY B 142 5.34 4.22 -13.36
N VAL B 143 6.47 3.52 -13.26
CA VAL B 143 7.74 4.19 -12.97
C VAL B 143 8.14 5.11 -14.12
N GLY B 144 8.03 4.61 -15.35
CA GLY B 144 8.38 5.44 -16.50
C GLY B 144 7.52 6.70 -16.59
N GLY B 145 6.23 6.58 -16.31
CA GLY B 145 5.38 7.76 -16.27
C GLY B 145 5.83 8.76 -15.22
N ALA B 146 6.33 8.26 -14.09
CA ALA B 146 6.87 9.12 -13.05
C ALA B 146 8.32 9.52 -13.31
N ALA B 147 8.96 8.94 -14.34
CA ALA B 147 10.35 9.22 -14.65
C ALA B 147 10.49 10.23 -15.80
N ALA B 148 9.91 9.91 -16.96
CA ALA B 148 10.05 10.75 -18.14
C ALA B 148 8.96 11.79 -18.13
N GLY B 149 9.29 12.97 -17.61
CA GLY B 149 8.36 14.09 -17.59
C GLY B 149 8.57 15.06 -18.73
N SER B 150 7.71 14.98 -19.75
CA SER B 150 7.84 15.85 -20.92
C SER B 150 6.50 16.40 -21.41
N SER B 151 5.42 16.17 -20.67
CA SER B 151 4.07 16.65 -20.96
C SER B 151 3.44 16.00 -22.18
N THR B 152 4.18 15.16 -22.92
CA THR B 152 3.64 14.37 -24.00
C THR B 152 3.73 12.88 -23.76
N GLY B 153 4.75 12.43 -23.04
CA GLY B 153 4.82 11.06 -22.58
C GLY B 153 4.28 10.97 -21.17
N ILE B 154 4.08 12.11 -20.53
CA ILE B 154 3.46 12.12 -19.20
C ILE B 154 2.08 11.49 -19.25
N MET B 155 1.32 11.79 -20.30
CA MET B 155 0.03 11.15 -20.51
C MET B 155 0.12 9.91 -21.39
N ALA B 156 1.17 9.79 -22.20
CA ALA B 156 1.29 8.64 -23.09
C ALA B 156 1.49 7.35 -22.31
N LEU B 157 2.38 7.36 -21.32
CA LEU B 157 2.51 6.24 -20.39
C LEU B 157 1.63 6.39 -19.16
N ARG B 158 0.73 7.37 -19.15
CA ARG B 158 -0.39 7.36 -18.21
C ARG B 158 -1.61 6.68 -18.82
N PHE B 159 -1.84 6.87 -20.12
CA PHE B 159 -2.83 6.07 -20.83
C PHE B 159 -2.46 4.59 -20.77
N LEU B 160 -1.20 4.27 -21.09
CA LEU B 160 -0.77 2.88 -21.07
C LEU B 160 -0.82 2.30 -19.66
N LEU B 161 -0.47 3.11 -18.66
CA LEU B 161 -0.58 2.66 -17.28
C LEU B 161 -2.03 2.37 -16.92
N GLY B 162 -2.95 3.23 -17.35
CA GLY B 162 -4.36 2.96 -17.13
C GLY B 162 -4.84 1.74 -17.88
N PHE B 163 -4.32 1.54 -19.10
CA PHE B 163 -4.67 0.34 -19.87
C PHE B 163 -4.16 -0.91 -19.17
N LEU B 164 -2.93 -0.88 -18.65
CA LEU B 164 -2.37 -2.05 -17.98
C LEU B 164 -3.08 -2.30 -16.65
N LEU B 165 -3.33 -1.25 -15.86
CA LEU B 165 -4.08 -1.41 -14.63
C LEU B 165 -5.51 -1.88 -14.89
N ALA B 166 -6.01 -1.66 -16.10
CA ALA B 166 -7.35 -2.15 -16.45
C ALA B 166 -7.38 -3.68 -16.44
N GLY B 167 -6.37 -4.31 -17.04
CA GLY B 167 -6.30 -5.76 -17.00
C GLY B 167 -6.06 -6.30 -15.61
N VAL B 168 -5.25 -5.59 -14.81
CA VAL B 168 -4.96 -6.04 -13.46
C VAL B 168 -6.23 -6.07 -12.61
N ASP B 169 -7.00 -4.99 -12.66
CA ASP B 169 -8.24 -4.94 -11.90
C ASP B 169 -9.26 -5.95 -12.42
N LEU B 170 -9.35 -6.10 -13.74
CA LEU B 170 -10.29 -7.06 -14.31
C LEU B 170 -9.78 -8.49 -14.14
N GLY B 171 -8.48 -8.71 -14.37
CA GLY B 171 -7.94 -10.06 -14.24
C GLY B 171 -8.01 -10.60 -12.83
N VAL B 172 -7.71 -9.74 -11.84
CA VAL B 172 -7.82 -10.16 -10.44
C VAL B 172 -9.27 -10.48 -10.11
N TYR B 173 -10.21 -9.69 -10.64
CA TYR B 173 -11.61 -9.88 -10.32
C TYR B 173 -12.12 -11.25 -10.75
N LEU B 174 -11.70 -11.72 -11.94
CA LEU B 174 -12.09 -13.04 -12.39
C LEU B 174 -11.53 -14.12 -11.48
N MET B 175 -10.27 -13.99 -11.07
CA MET B 175 -9.68 -14.96 -10.16
C MET B 175 -10.24 -14.85 -8.76
N ARG B 176 -10.68 -13.65 -8.36
CA ARG B 176 -11.24 -13.47 -7.02
C ARG B 176 -12.51 -14.30 -6.84
N LEU B 177 -13.37 -14.33 -7.86
CA LEU B 177 -14.64 -15.02 -7.76
C LEU B 177 -14.57 -16.49 -8.17
N GLU B 178 -13.42 -16.96 -8.63
CA GLU B 178 -13.23 -18.35 -9.01
C GLU B 178 -12.48 -19.15 -7.96
N LEU B 179 -11.31 -18.64 -7.52
CA LEU B 179 -10.52 -19.36 -6.54
C LEU B 179 -11.22 -19.44 -5.19
N CYS B 180 -11.80 -18.34 -4.73
CA CYS B 180 -12.43 -18.31 -3.43
C CYS B 180 -13.75 -19.08 -3.45
N ASP B 181 -14.17 -19.54 -2.28
CA ASP B 181 -15.41 -20.30 -2.18
C ASP B 181 -16.61 -19.39 -2.45
N PRO B 182 -17.64 -19.89 -3.11
CA PRO B 182 -18.84 -19.07 -3.35
C PRO B 182 -19.57 -18.67 -2.08
N THR B 183 -19.38 -19.40 -0.98
CA THR B 183 -20.08 -19.08 0.26
C THR B 183 -19.66 -17.73 0.80
N GLN B 184 -18.36 -17.43 0.77
CA GLN B 184 -17.82 -16.18 1.29
C GLN B 184 -17.26 -15.30 0.18
N ARG B 185 -17.66 -15.54 -1.08
CA ARG B 185 -17.22 -14.70 -2.18
C ARG B 185 -17.65 -13.25 -2.00
N LEU B 186 -18.75 -13.03 -1.28
CA LEU B 186 -19.26 -11.68 -1.07
C LEU B 186 -18.24 -10.83 -0.32
N ARG B 187 -17.65 -11.38 0.74
CA ARG B 187 -16.67 -10.62 1.53
C ARG B 187 -15.37 -10.42 0.76
N VAL B 188 -14.93 -11.43 0.02
CA VAL B 188 -13.68 -11.31 -0.74
C VAL B 188 -13.82 -10.24 -1.81
N ALA B 189 -14.93 -10.25 -2.54
CA ALA B 189 -15.15 -9.25 -3.57
C ALA B 189 -15.32 -7.85 -2.97
N LEU B 190 -15.98 -7.76 -1.82
CA LEU B 190 -16.11 -6.49 -1.13
C LEU B 190 -14.75 -5.99 -0.65
N ALA B 191 -14.00 -6.85 0.06
CA ALA B 191 -12.66 -6.47 0.49
C ALA B 191 -11.73 -6.31 -0.69
N GLY B 192 -12.01 -6.97 -1.81
CA GLY B 192 -11.26 -6.74 -3.03
C GLY B 192 -11.53 -5.39 -3.65
N GLU B 193 -12.69 -4.79 -3.36
CA GLU B 193 -12.98 -3.43 -3.80
C GLU B 193 -12.35 -2.38 -2.93
N LEU B 194 -11.75 -2.77 -1.80
CA LEU B 194 -10.93 -1.87 -1.00
C LEU B 194 -9.54 -1.67 -1.59
N VAL B 195 -9.34 -2.09 -2.83
CA VAL B 195 -8.06 -1.87 -3.51
C VAL B 195 -7.79 -0.38 -3.67
N GLY B 196 -8.81 0.38 -4.08
CA GLY B 196 -8.63 1.81 -4.21
C GLY B 196 -8.41 2.50 -2.88
N VAL B 197 -9.20 2.14 -1.87
CA VAL B 197 -9.16 2.87 -0.60
C VAL B 197 -7.80 2.68 0.08
N GLY B 198 -7.31 1.44 0.13
CA GLY B 198 -6.07 1.19 0.86
C GLY B 198 -4.88 1.90 0.24
N GLY B 199 -4.72 1.79 -1.08
CA GLY B 199 -3.59 2.42 -1.72
C GLY B 199 -3.66 3.94 -1.68
N HIS B 200 -4.86 4.49 -1.86
CA HIS B 200 -5.02 5.94 -1.85
C HIS B 200 -4.83 6.49 -0.44
N PHE B 201 -5.46 5.87 0.55
CA PHE B 201 -5.40 6.40 1.91
C PHE B 201 -3.97 6.38 2.45
N LEU B 202 -3.22 5.31 2.16
CA LEU B 202 -1.83 5.25 2.58
C LEU B 202 -1.00 6.32 1.89
N PHE B 203 -1.31 6.65 0.63
CA PHE B 203 -0.56 7.68 -0.08
C PHE B 203 -0.69 9.03 0.62
N LEU B 204 -1.90 9.39 1.03
CA LEU B 204 -2.11 10.55 1.89
C LEU B 204 -1.95 10.22 3.36
N GLY B 205 -1.48 9.02 3.68
CA GLY B 205 -1.08 8.70 5.04
C GLY B 205 0.38 9.06 5.24
N LEU B 206 1.21 8.66 4.28
CA LEU B 206 2.63 9.02 4.34
C LEU B 206 2.82 10.52 4.22
N ALA B 207 2.05 11.17 3.35
CA ALA B 207 2.20 12.60 3.15
C ALA B 207 1.89 13.38 4.42
N LEU B 208 0.87 12.95 5.17
CA LEU B 208 0.55 13.62 6.42
C LEU B 208 1.67 13.48 7.43
N VAL B 209 2.24 12.28 7.56
CA VAL B 209 3.33 12.07 8.51
C VAL B 209 4.59 12.78 8.03
N SER B 210 4.91 12.65 6.75
CA SER B 210 6.09 13.31 6.20
C SER B 210 5.92 14.81 6.04
N LYS B 211 4.69 15.32 6.20
CA LYS B 211 4.38 16.74 6.03
C LYS B 211 4.81 17.26 4.66
N ASP B 212 4.98 16.37 3.69
CA ASP B 212 5.47 16.74 2.36
C ASP B 212 4.30 16.88 1.39
N TRP B 213 3.57 17.99 1.54
CA TRP B 213 2.51 18.36 0.61
C TRP B 213 3.04 19.30 -0.46
N ARG B 214 4.11 18.89 -1.13
CA ARG B 214 4.79 19.73 -2.12
C ARG B 214 4.46 19.36 -3.55
N PHE B 215 4.07 18.12 -3.81
CA PHE B 215 3.66 17.74 -5.16
C PHE B 215 2.31 18.33 -5.54
N LEU B 216 1.59 18.93 -4.60
CA LEU B 216 0.34 19.61 -4.87
C LEU B 216 0.50 21.12 -4.92
N GLN B 217 1.73 21.63 -4.83
CA GLN B 217 1.93 23.08 -4.85
C GLN B 217 1.77 23.65 -6.24
N ARG B 218 2.52 23.11 -7.21
CA ARG B 218 2.41 23.55 -8.60
C ARG B 218 1.28 22.80 -9.30
N MET B 219 0.06 23.07 -8.84
CA MET B 219 -1.12 22.40 -9.38
C MET B 219 -2.33 23.28 -9.08
N ILE B 220 -3.06 23.65 -10.12
CA ILE B 220 -4.19 24.56 -10.01
C ILE B 220 -5.44 23.76 -9.63
N THR B 221 -6.29 24.37 -8.80
CA THR B 221 -7.54 23.77 -8.33
C THR B 221 -7.19 22.54 -7.50
N ALA B 222 -7.68 21.35 -7.84
CA ALA B 222 -7.44 20.17 -7.02
C ALA B 222 -7.65 18.94 -7.89
N PRO B 223 -6.95 17.83 -7.62
CA PRO B 223 -7.11 16.64 -8.45
C PRO B 223 -8.42 15.94 -8.15
N CYS B 224 -8.88 15.19 -9.15
CA CYS B 224 -10.07 14.37 -8.98
C CYS B 224 -9.80 13.27 -7.95
N ILE B 225 -10.84 12.89 -7.21
CA ILE B 225 -10.71 11.85 -6.19
C ILE B 225 -10.95 10.52 -6.91
N LEU B 226 -9.88 10.00 -7.50
CA LEU B 226 -9.85 8.66 -8.08
C LEU B 226 -8.82 7.87 -7.30
N PHE B 227 -9.27 6.83 -6.60
CA PHE B 227 -8.40 6.14 -5.67
C PHE B 227 -7.25 5.45 -6.40
N LEU B 228 -7.52 4.82 -7.54
CA LEU B 228 -6.48 4.10 -8.26
C LEU B 228 -5.46 5.00 -8.94
N PHE B 229 -5.70 6.31 -8.99
CA PHE B 229 -4.69 7.21 -9.51
C PHE B 229 -3.43 7.17 -8.65
N TYR B 230 -3.59 7.16 -7.33
CA TYR B 230 -2.49 7.03 -6.41
C TYR B 230 -2.51 5.72 -5.63
N GLY B 231 -3.60 4.96 -5.71
CA GLY B 231 -3.68 3.64 -5.12
C GLY B 231 -3.28 2.51 -6.03
N TRP B 232 -2.80 2.82 -7.23
CA TRP B 232 -2.28 1.79 -8.11
C TRP B 232 -1.07 1.04 -7.56
N PRO B 233 -0.06 1.69 -6.91
CA PRO B 233 1.14 0.92 -6.51
C PRO B 233 0.81 -0.25 -5.61
N GLY B 234 0.20 0.04 -4.47
CA GLY B 234 -0.23 -1.00 -3.57
C GLY B 234 -1.55 -1.59 -4.01
N LEU B 235 -1.98 -2.61 -3.26
CA LEU B 235 -3.29 -3.23 -3.36
C LEU B 235 -3.47 -4.00 -4.66
N PHE B 236 -2.50 -3.96 -5.56
CA PHE B 236 -2.49 -4.81 -6.76
C PHE B 236 -1.36 -5.82 -6.70
N LEU B 237 -0.14 -5.38 -6.44
CA LEU B 237 0.92 -6.31 -6.09
C LEU B 237 0.75 -6.84 -4.67
N GLU B 238 -0.02 -6.14 -3.83
CA GLU B 238 -0.49 -6.73 -2.58
C GLU B 238 -1.60 -7.75 -2.83
N SER B 239 -2.37 -7.57 -3.90
CA SER B 239 -3.38 -8.54 -4.31
C SER B 239 -2.79 -9.63 -5.19
N ALA B 240 -1.47 -9.82 -5.16
CA ALA B 240 -0.84 -10.99 -5.75
C ALA B 240 -1.01 -12.23 -4.91
N ARG B 241 -1.67 -12.10 -3.75
CA ARG B 241 -1.99 -13.26 -2.92
C ARG B 241 -2.79 -14.30 -3.70
N TRP B 242 -3.64 -13.85 -4.62
CA TRP B 242 -4.41 -14.79 -5.44
C TRP B 242 -3.48 -15.59 -6.35
N LEU B 243 -2.44 -14.95 -6.89
CA LEU B 243 -1.44 -15.69 -7.65
C LEU B 243 -0.72 -16.70 -6.77
N ILE B 244 -0.42 -16.32 -5.53
CA ILE B 244 0.10 -17.27 -4.56
C ILE B 244 -0.94 -18.36 -4.27
N VAL B 245 -2.20 -17.94 -4.10
CA VAL B 245 -3.27 -18.90 -3.82
C VAL B 245 -3.46 -19.85 -4.99
N LYS B 246 -3.47 -19.31 -6.22
CA LYS B 246 -3.62 -20.16 -7.39
C LYS B 246 -2.47 -21.13 -7.53
N ARG B 247 -1.25 -20.70 -7.17
CA ARG B 247 -0.11 -21.59 -7.22
C ARG B 247 -0.29 -22.78 -6.28
N GLN B 248 -0.76 -22.52 -5.06
CA GLN B 248 -0.97 -23.61 -4.10
C GLN B 248 -2.06 -24.57 -4.57
N ILE B 249 -3.15 -24.04 -5.10
CA ILE B 249 -4.23 -24.89 -5.58
C ILE B 249 -3.77 -25.71 -6.79
N GLU B 250 -3.09 -25.07 -7.74
CA GLU B 250 -2.60 -25.78 -8.91
C GLU B 250 -1.55 -26.81 -8.52
N GLU B 251 -0.68 -26.46 -7.57
CA GLU B 251 0.30 -27.44 -7.09
C GLU B 251 -0.37 -28.60 -6.39
N ALA B 252 -1.44 -28.33 -5.63
CA ALA B 252 -2.16 -29.40 -4.96
C ALA B 252 -2.78 -30.38 -5.96
N GLN B 253 -3.26 -29.85 -7.09
CA GLN B 253 -3.82 -30.73 -8.13
C GLN B 253 -2.75 -31.66 -8.68
N SER B 254 -1.54 -31.15 -8.89
CA SER B 254 -0.45 -32.01 -9.35
C SER B 254 -0.06 -33.03 -8.30
N VAL B 255 -0.22 -32.70 -7.02
CA VAL B 255 0.08 -33.65 -5.95
C VAL B 255 -0.85 -34.86 -6.05
N LEU B 256 -2.14 -34.61 -6.24
CA LEU B 256 -3.11 -35.69 -6.36
C LEU B 256 -3.11 -36.35 -7.73
N ARG B 257 -2.38 -35.80 -8.70
CA ARG B 257 -2.33 -36.38 -10.04
C ARG B 257 -1.52 -37.67 -10.04
N ASN B 303 -32.20 -11.73 -22.90
CA ASN B 303 -32.15 -12.26 -21.55
C ASN B 303 -30.90 -11.77 -20.82
N ILE B 304 -29.74 -12.30 -21.21
CA ILE B 304 -28.49 -11.90 -20.60
C ILE B 304 -28.19 -10.43 -20.91
N TRP B 305 -28.50 -10.00 -22.14
CA TRP B 305 -28.27 -8.61 -22.51
C TRP B 305 -29.18 -7.66 -21.73
N LYS B 306 -30.35 -8.14 -21.30
CA LYS B 306 -31.26 -7.29 -20.55
C LYS B 306 -30.63 -6.86 -19.22
N ASN B 307 -30.00 -7.78 -18.51
CA ASN B 307 -29.34 -7.45 -17.26
C ASN B 307 -28.03 -6.70 -17.48
N LEU B 308 -27.39 -6.88 -18.64
CA LEU B 308 -26.16 -6.15 -18.92
C LEU B 308 -26.42 -4.64 -19.00
N LEU B 309 -27.50 -4.24 -19.68
CA LEU B 309 -27.79 -2.82 -19.81
C LEU B 309 -28.24 -2.21 -18.49
N ILE B 310 -29.09 -2.93 -17.73
CA ILE B 310 -29.54 -2.40 -16.45
C ILE B 310 -28.37 -2.26 -15.49
N LEU B 311 -27.49 -3.27 -15.45
CA LEU B 311 -26.32 -3.18 -14.58
C LEU B 311 -25.28 -2.23 -15.14
N GLY B 312 -25.14 -2.17 -16.47
CA GLY B 312 -24.19 -1.22 -17.05
C GLY B 312 -24.57 0.21 -16.76
N PHE B 313 -25.84 0.56 -16.95
CA PHE B 313 -26.29 1.90 -16.62
C PHE B 313 -26.18 2.17 -15.13
N THR B 314 -26.55 1.20 -14.29
CA THR B 314 -26.45 1.38 -12.85
C THR B 314 -25.01 1.60 -12.42
N ASN B 315 -24.08 0.82 -12.97
CA ASN B 315 -22.68 1.00 -12.64
C ASN B 315 -22.16 2.33 -13.16
N PHE B 316 -22.61 2.74 -14.35
CA PHE B 316 -22.18 4.03 -14.90
C PHE B 316 -22.72 5.18 -14.06
N ILE B 317 -24.02 5.14 -13.73
CA ILE B 317 -24.62 6.23 -12.96
C ILE B 317 -24.00 6.31 -11.57
N ALA B 318 -23.82 5.16 -10.91
CA ALA B 318 -23.29 5.15 -9.56
C ALA B 318 -21.86 5.66 -9.49
N HIS B 319 -21.14 5.67 -10.62
CA HIS B 319 -19.80 6.23 -10.67
C HIS B 319 -19.83 7.73 -10.95
N ALA B 320 -20.59 8.14 -11.96
CA ALA B 320 -20.62 9.53 -12.38
C ALA B 320 -21.41 10.43 -11.43
N ILE B 321 -22.14 9.87 -10.47
CA ILE B 321 -22.87 10.68 -9.51
C ILE B 321 -22.13 10.81 -8.19
N ARG B 322 -21.15 9.96 -7.91
CA ARG B 322 -20.40 10.07 -6.66
C ARG B 322 -19.63 11.38 -6.61
N HIS B 323 -18.97 11.75 -7.71
CA HIS B 323 -18.19 12.98 -7.76
C HIS B 323 -19.05 14.23 -7.68
N CYS B 324 -20.36 14.11 -7.90
CA CYS B 324 -21.26 15.25 -7.80
C CYS B 324 -21.65 15.57 -6.37
N TYR B 325 -21.34 14.71 -5.41
CA TYR B 325 -21.60 14.96 -3.99
C TYR B 325 -20.46 15.77 -3.40
N GLN B 326 -20.36 17.02 -3.87
CA GLN B 326 -19.27 17.90 -3.48
C GLN B 326 -19.70 19.35 -3.68
N PRO B 327 -20.19 20.01 -2.63
CA PRO B 327 -20.52 21.44 -2.77
C PRO B 327 -19.34 22.29 -3.18
N VAL B 328 -18.13 21.89 -2.81
CA VAL B 328 -16.90 22.52 -3.29
C VAL B 328 -16.29 21.60 -4.35
N GLY B 329 -15.98 22.17 -5.52
CA GLY B 329 -15.47 21.38 -6.62
C GLY B 329 -14.12 20.75 -6.34
N GLY B 330 -14.11 19.43 -6.15
CA GLY B 330 -12.88 18.72 -5.86
C GLY B 330 -12.17 19.17 -4.61
N GLY B 331 -12.87 19.84 -3.70
CA GLY B 331 -12.24 20.50 -2.58
C GLY B 331 -11.81 21.93 -2.85
N GLY B 332 -12.02 22.42 -4.07
CA GLY B 332 -11.63 23.78 -4.42
C GLY B 332 -10.12 23.98 -4.36
N SER B 333 -9.67 24.72 -3.36
CA SER B 333 -8.24 24.88 -3.15
C SER B 333 -7.63 23.53 -2.77
N PRO B 334 -6.37 23.29 -3.14
CA PRO B 334 -5.74 22.00 -2.81
C PRO B 334 -5.61 21.75 -1.32
N SER B 335 -5.73 22.79 -0.48
CA SER B 335 -5.63 22.60 0.96
C SER B 335 -6.72 21.69 1.51
N ASP B 336 -7.84 21.57 0.81
CA ASP B 336 -8.94 20.71 1.24
C ASP B 336 -8.91 19.34 0.57
N PHE B 337 -7.87 19.05 -0.22
CA PHE B 337 -7.81 17.78 -0.94
C PHE B 337 -7.76 16.60 0.01
N TYR B 338 -6.92 16.68 1.05
CA TYR B 338 -6.84 15.58 2.00
C TYR B 338 -8.15 15.40 2.77
N LEU B 339 -8.78 16.52 3.15
CA LEU B 339 -10.06 16.43 3.86
C LEU B 339 -11.14 15.78 3.01
N CYS B 340 -11.02 15.86 1.68
CA CYS B 340 -11.94 15.16 0.80
C CYS B 340 -11.47 13.74 0.49
N SER B 341 -10.16 13.52 0.44
CA SER B 341 -9.65 12.17 0.25
C SER B 341 -9.91 11.30 1.48
N LEU B 342 -9.68 11.85 2.67
CA LEU B 342 -10.01 11.13 3.90
C LEU B 342 -11.50 10.88 3.99
N LEU B 343 -12.31 11.89 3.64
CA LEU B 343 -13.75 11.72 3.68
C LEU B 343 -14.21 10.63 2.71
N ALA B 344 -13.78 10.74 1.44
CA ALA B 344 -14.22 9.78 0.44
C ALA B 344 -13.75 8.37 0.76
N SER B 345 -12.48 8.24 1.17
CA SER B 345 -11.98 6.92 1.58
C SER B 345 -12.66 6.45 2.86
N GLY B 346 -12.82 7.35 3.83
CA GLY B 346 -13.53 7.00 5.05
C GLY B 346 -15.00 6.68 4.79
N THR B 347 -15.63 7.44 3.89
CA THR B 347 -17.02 7.15 3.53
C THR B 347 -17.13 5.83 2.78
N ALA B 348 -16.11 5.46 2.00
CA ALA B 348 -16.10 4.15 1.36
C ALA B 348 -15.93 3.04 2.38
N ALA B 349 -15.32 3.33 3.53
CA ALA B 349 -15.16 2.31 4.56
C ALA B 349 -16.51 1.90 5.13
N LEU B 350 -17.34 2.86 5.51
CA LEU B 350 -18.67 2.54 6.01
C LEU B 350 -19.58 2.10 4.87
N ALA B 351 -19.31 2.54 3.63
CA ALA B 351 -20.07 2.10 2.47
C ALA B 351 -19.89 0.62 2.20
N CYS B 352 -18.91 -0.03 2.80
CA CYS B 352 -18.76 -1.48 2.73
C CYS B 352 -19.25 -2.18 3.99
N VAL B 353 -19.72 -1.42 4.99
CA VAL B 353 -20.20 -2.01 6.23
C VAL B 353 -21.67 -2.41 6.07
N PHE B 354 -22.53 -1.43 5.79
CA PHE B 354 -23.94 -1.74 5.55
C PHE B 354 -24.16 -2.42 4.20
N LEU B 355 -23.15 -2.41 3.33
CA LEU B 355 -23.14 -3.24 2.15
C LEU B 355 -22.46 -4.59 2.39
N GLY B 356 -21.83 -4.77 3.55
CA GLY B 356 -21.16 -6.02 3.86
C GLY B 356 -21.93 -6.93 4.80
N VAL B 357 -22.70 -6.33 5.72
CA VAL B 357 -23.38 -7.11 6.76
C VAL B 357 -24.88 -7.25 6.51
N THR B 358 -25.43 -6.57 5.50
CA THR B 358 -26.86 -6.62 5.23
C THR B 358 -27.21 -7.25 3.90
N VAL B 359 -26.36 -7.13 2.88
CA VAL B 359 -26.73 -7.63 1.56
C VAL B 359 -26.77 -9.16 1.51
N ASP B 360 -26.13 -9.83 2.46
CA ASP B 360 -26.25 -11.29 2.54
C ASP B 360 -27.65 -11.69 2.98
N ARG B 361 -28.18 -11.03 4.03
CA ARG B 361 -29.53 -11.34 4.50
C ARG B 361 -30.59 -10.78 3.57
N PHE B 362 -30.41 -9.55 3.08
CA PHE B 362 -31.42 -8.88 2.28
C PHE B 362 -31.34 -9.22 0.79
N GLY B 363 -30.26 -9.83 0.34
CA GLY B 363 -30.11 -10.09 -1.08
C GLY B 363 -29.43 -8.96 -1.82
N ARG B 364 -28.71 -9.32 -2.88
CA ARG B 364 -27.96 -8.31 -3.63
C ARG B 364 -28.89 -7.40 -4.45
N ARG B 365 -30.00 -7.93 -4.94
CA ARG B 365 -30.92 -7.11 -5.72
C ARG B 365 -31.71 -6.16 -4.82
N GLY B 366 -32.10 -6.64 -3.63
CA GLY B 366 -32.88 -5.80 -2.73
C GLY B 366 -32.14 -4.58 -2.24
N ILE B 367 -30.88 -4.77 -1.83
CA ILE B 367 -30.09 -3.64 -1.34
C ILE B 367 -29.76 -2.69 -2.50
N LEU B 368 -29.47 -3.24 -3.67
CA LEU B 368 -29.15 -2.40 -4.82
C LEU B 368 -30.28 -1.42 -5.11
N LEU B 369 -31.53 -1.86 -4.94
CA LEU B 369 -32.65 -0.94 -5.02
C LEU B 369 -32.58 0.09 -3.90
N LEU B 370 -32.26 -0.35 -2.68
CA LEU B 370 -32.16 0.58 -1.56
C LEU B 370 -30.89 1.44 -1.66
N SER B 371 -29.79 0.86 -2.15
CA SER B 371 -28.58 1.64 -2.34
C SER B 371 -28.65 2.54 -3.56
N MET B 372 -29.72 2.46 -4.35
CA MET B 372 -29.96 3.41 -5.43
C MET B 372 -31.13 4.34 -5.14
N THR B 373 -32.06 3.95 -4.27
CA THR B 373 -33.09 4.87 -3.83
C THR B 373 -32.60 5.77 -2.71
N LEU B 374 -31.49 5.43 -2.06
CA LEU B 374 -30.91 6.32 -1.06
C LEU B 374 -30.22 7.52 -1.72
N THR B 375 -29.49 7.27 -2.81
CA THR B 375 -28.92 8.36 -3.59
C THR B 375 -29.97 9.08 -4.43
N GLY B 376 -31.19 8.54 -4.50
CA GLY B 376 -32.29 9.28 -5.08
C GLY B 376 -32.93 10.27 -4.15
N ILE B 377 -32.54 10.27 -2.87
CA ILE B 377 -32.96 11.28 -1.92
C ILE B 377 -31.80 12.17 -1.51
N ALA B 378 -30.61 11.57 -1.31
CA ALA B 378 -29.44 12.36 -0.96
C ALA B 378 -29.02 13.31 -2.07
N SER B 379 -29.43 13.05 -3.31
CA SER B 379 -29.17 13.92 -4.44
C SER B 379 -30.37 14.76 -4.84
N LEU B 380 -31.56 14.44 -4.32
CA LEU B 380 -32.76 15.18 -4.62
C LEU B 380 -32.99 16.30 -3.62
N VAL B 381 -32.91 15.98 -2.32
CA VAL B 381 -33.04 17.01 -1.29
C VAL B 381 -31.82 17.92 -1.26
N LEU B 382 -30.66 17.44 -1.72
CA LEU B 382 -29.51 18.30 -1.87
C LEU B 382 -29.69 19.34 -2.97
N LEU B 383 -30.61 19.09 -3.90
CA LEU B 383 -30.86 19.97 -5.03
C LEU B 383 -32.22 20.65 -4.95
N GLY B 384 -33.29 19.89 -4.70
CA GLY B 384 -34.62 20.45 -4.71
C GLY B 384 -35.02 21.14 -3.42
N LEU B 385 -34.90 20.43 -2.30
CA LEU B 385 -35.33 20.94 -1.00
C LEU B 385 -34.18 21.47 -0.17
N TRP B 386 -33.19 22.10 -0.79
CA TRP B 386 -32.08 22.66 -0.01
C TRP B 386 -32.46 24.05 0.52
N ASP B 387 -33.64 24.14 1.14
CA ASP B 387 -34.15 25.38 1.71
C ASP B 387 -33.57 25.54 3.10
N TYR B 388 -32.39 26.16 3.18
CA TYR B 388 -31.67 26.39 4.43
C TYR B 388 -31.41 25.07 5.16
N LEU B 389 -30.56 24.26 4.54
CA LEU B 389 -30.05 23.06 5.17
C LEU B 389 -28.95 23.35 6.19
N ASN B 390 -28.77 24.63 6.55
CA ASN B 390 -27.90 25.10 7.63
C ASN B 390 -26.48 24.53 7.55
N ASP B 391 -26.04 24.12 6.36
CA ASP B 391 -24.65 23.78 6.09
C ASP B 391 -24.20 22.51 6.83
N ALA B 392 -25.07 21.97 7.68
CA ALA B 392 -24.80 20.74 8.39
C ALA B 392 -25.65 19.57 7.90
N ALA B 393 -26.92 19.82 7.57
CA ALA B 393 -27.71 18.82 6.89
C ALA B 393 -27.27 18.61 5.46
N ILE B 394 -26.49 19.53 4.90
CA ILE B 394 -25.89 19.31 3.59
C ILE B 394 -24.82 18.23 3.68
N THR B 395 -24.00 18.26 4.73
CA THR B 395 -22.95 17.28 4.90
C THR B 395 -23.48 15.92 5.32
N THR B 396 -24.58 15.88 6.10
CA THR B 396 -25.15 14.60 6.49
C THR B 396 -25.78 13.88 5.30
N PHE B 397 -26.02 14.58 4.20
CA PHE B 397 -26.59 13.98 2.99
C PHE B 397 -25.53 13.67 1.95
N SER B 398 -24.55 14.55 1.76
CA SER B 398 -23.44 14.24 0.87
C SER B 398 -22.68 13.01 1.37
N VAL B 399 -22.38 12.96 2.67
CA VAL B 399 -21.75 11.78 3.23
C VAL B 399 -22.68 10.58 3.20
N LEU B 400 -23.99 10.82 3.11
CA LEU B 400 -24.95 9.75 2.90
C LEU B 400 -25.13 9.44 1.42
N GLY B 401 -24.94 10.42 0.55
CA GLY B 401 -24.92 10.15 -0.87
C GLY B 401 -23.74 9.31 -1.28
N LEU B 402 -22.56 9.60 -0.71
CA LEU B 402 -21.38 8.80 -1.01
C LEU B 402 -21.50 7.38 -0.46
N PHE B 403 -22.43 7.13 0.46
CA PHE B 403 -22.74 5.75 0.84
C PHE B 403 -23.41 5.02 -0.31
N SER B 404 -24.58 5.50 -0.72
CA SER B 404 -25.37 4.82 -1.73
C SER B 404 -24.65 4.81 -3.08
N SER B 405 -24.06 5.94 -3.47
CA SER B 405 -23.39 6.01 -4.77
C SER B 405 -22.17 5.10 -4.82
N GLN B 406 -21.52 4.87 -3.68
CA GLN B 406 -20.38 3.97 -3.61
C GLN B 406 -20.76 2.59 -3.11
N ALA B 407 -22.03 2.35 -2.81
CA ALA B 407 -22.54 1.01 -2.57
C ALA B 407 -23.32 0.46 -3.75
N SER B 408 -23.92 1.34 -4.55
CA SER B 408 -24.55 0.92 -5.80
C SER B 408 -23.55 0.82 -6.94
N ALA B 409 -22.29 1.19 -6.71
CA ALA B 409 -21.23 0.96 -7.67
C ALA B 409 -20.40 -0.27 -7.34
N ILE B 410 -20.30 -0.63 -6.06
CA ILE B 410 -19.61 -1.85 -5.68
C ILE B 410 -20.54 -3.06 -5.81
N LEU B 411 -21.78 -2.92 -5.34
CA LEU B 411 -22.73 -4.03 -5.41
C LEU B 411 -23.10 -4.36 -6.85
N SER B 412 -23.20 -3.35 -7.71
CA SER B 412 -23.54 -3.60 -9.11
C SER B 412 -22.48 -4.46 -9.79
N THR B 413 -21.20 -4.24 -9.46
CA THR B 413 -20.15 -5.08 -10.03
C THR B 413 -20.31 -6.53 -9.59
N LEU B 414 -20.69 -6.76 -8.33
CA LEU B 414 -20.91 -8.12 -7.86
C LEU B 414 -22.09 -8.77 -8.56
N LEU B 415 -23.18 -8.03 -8.76
CA LEU B 415 -24.40 -8.61 -9.30
C LEU B 415 -24.19 -9.12 -10.71
N ALA B 416 -23.42 -8.39 -11.53
CA ALA B 416 -23.20 -8.80 -12.91
C ALA B 416 -22.44 -10.12 -13.02
N SER B 417 -21.74 -10.53 -11.95
CA SER B 417 -20.95 -11.76 -12.00
C SER B 417 -21.86 -12.97 -12.12
N GLU B 418 -22.97 -13.00 -11.39
CA GLU B 418 -23.82 -14.19 -11.38
C GLU B 418 -24.58 -14.35 -12.68
N ILE B 419 -25.03 -13.24 -13.28
CA ILE B 419 -25.88 -13.32 -14.47
C ILE B 419 -25.11 -13.93 -15.63
N ILE B 420 -23.89 -13.48 -15.84
CA ILE B 420 -23.05 -13.98 -16.94
C ILE B 420 -22.49 -15.35 -16.54
N PRO B 421 -22.54 -16.35 -17.42
CA PRO B 421 -22.02 -17.67 -17.07
C PRO B 421 -20.50 -17.68 -16.90
N THR B 422 -19.93 -18.83 -16.56
CA THR B 422 -18.49 -18.93 -16.41
C THR B 422 -17.78 -18.61 -17.72
N THR B 423 -18.30 -19.09 -18.84
CA THR B 423 -17.80 -18.68 -20.14
C THR B 423 -18.20 -17.24 -20.42
N VAL B 424 -17.44 -16.60 -21.31
CA VAL B 424 -17.58 -15.18 -21.65
C VAL B 424 -17.89 -14.31 -20.43
N ARG B 425 -17.22 -14.61 -19.31
CA ARG B 425 -17.39 -13.85 -18.08
C ARG B 425 -16.45 -12.65 -18.01
N GLY B 426 -15.65 -12.42 -19.04
CA GLY B 426 -14.79 -11.26 -19.07
C GLY B 426 -15.31 -10.20 -20.02
N ARG B 427 -15.99 -10.64 -21.08
CA ARG B 427 -16.54 -9.70 -22.05
C ARG B 427 -17.62 -8.82 -21.43
N GLY B 428 -18.50 -9.41 -20.63
CA GLY B 428 -19.61 -8.68 -20.06
C GLY B 428 -19.32 -8.09 -18.69
N LEU B 429 -18.69 -8.88 -17.82
CA LEU B 429 -18.39 -8.41 -16.47
C LEU B 429 -17.44 -7.22 -16.50
N GLY B 430 -16.44 -7.26 -17.38
CA GLY B 430 -15.59 -6.10 -17.58
C GLY B 430 -16.35 -4.93 -18.17
N LEU B 431 -17.32 -5.21 -19.04
CA LEU B 431 -18.06 -4.14 -19.70
C LEU B 431 -18.88 -3.32 -18.70
N ILE B 432 -19.43 -3.96 -17.67
CA ILE B 432 -20.23 -3.24 -16.68
C ILE B 432 -19.39 -2.18 -16.01
N MET B 433 -18.16 -2.50 -15.63
CA MET B 433 -17.26 -1.49 -15.11
C MET B 433 -16.44 -0.80 -16.20
N ALA B 434 -16.48 -1.29 -17.44
CA ALA B 434 -15.93 -0.51 -18.54
C ALA B 434 -16.77 0.74 -18.77
N LEU B 435 -18.10 0.62 -18.67
CA LEU B 435 -18.95 1.79 -18.60
C LEU B 435 -18.75 2.53 -17.29
N GLY B 436 -18.59 1.78 -16.19
CA GLY B 436 -18.38 2.42 -14.91
C GLY B 436 -17.10 3.22 -14.85
N ALA B 437 -16.00 2.63 -15.33
CA ALA B 437 -14.74 3.37 -15.39
C ALA B 437 -14.85 4.56 -16.33
N LEU B 438 -15.50 4.37 -17.48
CA LEU B 438 -15.77 5.49 -18.38
C LEU B 438 -16.68 6.52 -17.72
N GLY B 439 -17.48 6.09 -16.74
CA GLY B 439 -18.30 7.00 -15.97
C GLY B 439 -17.57 7.75 -14.89
N GLY B 440 -16.28 7.48 -14.70
CA GLY B 440 -15.48 8.22 -13.76
C GLY B 440 -15.06 9.59 -14.25
N LEU B 441 -15.54 9.99 -15.42
CA LEU B 441 -15.20 11.28 -16.01
C LEU B 441 -15.96 12.44 -15.38
N SER B 442 -16.89 12.17 -14.47
CA SER B 442 -17.72 13.25 -13.93
C SER B 442 -16.88 14.30 -13.19
N CYS B 443 -15.93 13.86 -12.38
CA CYS B 443 -15.04 14.82 -11.74
C CYS B 443 -14.18 15.57 -12.75
N PRO B 444 -13.52 14.91 -13.71
CA PRO B 444 -12.86 15.68 -14.78
C PRO B 444 -13.83 16.44 -15.66
N ALA B 445 -15.13 16.15 -15.57
CA ALA B 445 -16.14 16.87 -16.33
C ALA B 445 -16.48 18.21 -15.68
N GLN B 446 -17.62 18.78 -16.05
CA GLN B 446 -18.10 20.09 -15.61
C GLN B 446 -17.88 20.34 -14.13
N ARG B 447 -17.84 19.28 -13.32
CA ARG B 447 -17.56 19.43 -11.89
C ARG B 447 -16.29 20.24 -11.64
N LEU B 448 -15.22 19.95 -12.39
CA LEU B 448 -13.94 20.60 -12.16
C LEU B 448 -13.50 21.54 -13.27
N HIS B 449 -13.86 21.25 -14.53
CA HIS B 449 -13.39 22.10 -15.63
C HIS B 449 -13.94 23.52 -15.52
N MET B 450 -15.23 23.67 -15.30
CA MET B 450 -15.82 25.00 -15.29
C MET B 450 -16.54 25.31 -13.98
N GLY B 451 -17.25 24.34 -13.39
CA GLY B 451 -17.78 24.50 -12.06
C GLY B 451 -19.05 25.32 -11.95
N HIS B 452 -19.10 26.47 -12.62
CA HIS B 452 -20.24 27.36 -12.52
C HIS B 452 -21.44 26.76 -13.24
N GLY B 453 -22.59 26.75 -12.55
CA GLY B 453 -23.77 26.13 -13.13
C GLY B 453 -23.62 24.64 -13.37
N ALA B 454 -22.85 23.96 -12.52
CA ALA B 454 -22.65 22.52 -12.66
C ALA B 454 -23.82 21.73 -12.06
N PHE B 455 -24.80 22.42 -11.48
CA PHE B 455 -26.02 21.74 -11.04
C PHE B 455 -26.74 21.08 -12.21
N LEU B 456 -26.54 21.59 -13.43
CA LEU B 456 -27.16 20.98 -14.60
C LEU B 456 -26.65 19.57 -14.83
N GLN B 457 -25.35 19.35 -14.65
CA GLN B 457 -24.82 18.00 -14.78
C GLN B 457 -25.26 17.10 -13.65
N HIS B 458 -25.42 17.66 -12.44
CA HIS B 458 -25.81 16.84 -11.30
C HIS B 458 -27.27 16.42 -11.40
N VAL B 459 -28.15 17.35 -11.78
CA VAL B 459 -29.56 17.02 -11.89
C VAL B 459 -29.80 16.05 -13.04
N VAL B 460 -29.03 16.17 -14.13
CA VAL B 460 -29.18 15.23 -15.23
C VAL B 460 -28.84 13.82 -14.77
N LEU B 461 -27.76 13.66 -14.00
CA LEU B 461 -27.43 12.35 -13.46
C LEU B 461 -28.41 11.94 -12.37
N ALA B 462 -28.83 12.89 -11.52
CA ALA B 462 -29.83 12.57 -10.50
C ALA B 462 -31.15 12.17 -11.13
N ALA B 463 -31.58 12.86 -12.17
CA ALA B 463 -32.77 12.43 -12.90
C ALA B 463 -32.52 11.10 -13.59
N CYS B 464 -31.30 10.88 -14.09
CA CYS B 464 -30.96 9.59 -14.67
C CYS B 464 -30.96 8.49 -13.61
N ALA B 465 -30.69 8.83 -12.36
CA ALA B 465 -30.79 7.85 -11.28
C ALA B 465 -32.23 7.36 -11.12
N LEU B 466 -33.21 8.20 -11.45
CA LEU B 466 -34.60 7.74 -11.47
C LEU B 466 -34.79 6.66 -12.51
N LEU B 467 -34.16 6.82 -13.68
CA LEU B 467 -34.18 5.76 -14.68
C LEU B 467 -33.45 4.51 -14.18
N CYS B 468 -32.45 4.68 -13.33
CA CYS B 468 -31.70 3.55 -12.81
C CYS B 468 -32.51 2.74 -11.81
N ILE B 469 -33.19 3.42 -10.87
CA ILE B 469 -33.96 2.70 -9.87
C ILE B 469 -35.19 2.05 -10.51
N LEU B 470 -35.86 2.77 -11.42
CA LEU B 470 -37.04 2.22 -12.07
C LEU B 470 -36.72 0.98 -12.89
N SER B 471 -35.48 0.83 -13.35
CA SER B 471 -35.08 -0.34 -14.11
C SER B 471 -34.52 -1.46 -13.23
N ILE B 472 -34.38 -1.23 -11.92
CA ILE B 472 -33.82 -2.25 -11.05
C ILE B 472 -34.79 -3.41 -10.87
N MET B 473 -36.08 -3.11 -10.68
CA MET B 473 -37.07 -4.18 -10.55
C MET B 473 -37.23 -4.97 -11.84
N LEU B 474 -36.78 -4.44 -12.97
CA LEU B 474 -36.84 -5.18 -14.22
C LEU B 474 -35.86 -6.35 -14.27
N LEU B 475 -34.96 -6.45 -13.29
CA LEU B 475 -33.99 -7.54 -13.24
C LEU B 475 -34.69 -8.89 -13.05
FE FE2 C . 14.78 -0.51 5.13
FE FE2 D . -12.04 -0.91 -10.13
#